data_9BGJ
#
_entry.id   9BGJ
#
_cell.length_a   1.00
_cell.length_b   1.00
_cell.length_c   1.00
_cell.angle_alpha   90.00
_cell.angle_beta   90.00
_cell.angle_gamma   90.00
#
_symmetry.space_group_name_H-M   'P 1'
#
loop_
_entity.id
_entity.type
_entity.pdbx_description
1 polymer 'SgraIR restriction enzyme'
2 polymer '40-1 DNA'
3 non-polymer 'MAGNESIUM ION'
4 water water
#
loop_
_entity_poly.entity_id
_entity_poly.type
_entity_poly.pdbx_seq_one_letter_code
_entity_poly.pdbx_strand_id
1 'polypeptide(L)'
;MPFTYSIEATRNLATTERCIQDIRNAPVRNRSTQFQLAQQNMLAYTFGEVIPGFASAGINGMDYRDVIGRPVENAVTEGT
HFFRDDFRVDSNAKAKVAGDIFEIVSSAVMWNCAARWNSLMVGEGWRSQPRYSRPTLSPSPRRQVAVLNLPRSFDWVSLL
VPESQEVIEEFRAGLRKDGLGLPTSTPDLAVVVLPEEFQNDEMWREEIAGLTRPNQILLSGAYQRLQGRVQPGEISLAVA
FARSLRSDRLYQPLYEANVMQLLLEGKLGAPKVEFEVHTLAPEGTNAFVTYEAASLYGLAEGRSAVHRAIRELYVPPTAA
DLARRFFAFLNERMEKVNGENLYFQSHHHHHH
;
A,B
2 'polydeoxyribonucleotide'
;(DG)(DA)(DT)(DG)(DC)(DG)(DT)(DG)(DG)(DG)(DT)(DC)(DT)(DT)(DC)(DA)(DC)(DA)(DC)(DC)
(DG)(DG)(DT)(DG)(DG)(DA)(DT)(DG)(DC)(DG)(DT)(DG)(DG)(DG)(DT)(DC)(DT)(DT)(DC)(DA)
(DT)(DG)(DA)(DA)(DG)(DA)(DC)(DC)(DC)(DA)(DC)(DG)(DC)(DA)(DT)(DC)(DC)(DA)(DC)(DC)
(DG)(DG)(DT)(DG)(DT)(DG)(DA)(DA)(DG)(DA)(DC)(DC)(DC)(DA)(DC)(DG)(DC)(DA)(DT)(DC)
;
C,D
#
loop_
_chem_comp.id
_chem_comp.type
_chem_comp.name
_chem_comp.formula
DA DNA linking 2'-DEOXYADENOSINE-5'-MONOPHOSPHATE 'C10 H14 N5 O6 P'
DC DNA linking 2'-DEOXYCYTIDINE-5'-MONOPHOSPHATE 'C9 H14 N3 O7 P'
DG DNA linking 2'-DEOXYGUANOSINE-5'-MONOPHOSPHATE 'C10 H14 N5 O7 P'
DT DNA linking THYMIDINE-5'-MONOPHOSPHATE 'C10 H15 N2 O8 P'
MG non-polymer 'MAGNESIUM ION' 'Mg 2'
#
# COMPACT_ATOMS: atom_id res chain seq x y z
N PRO A 2 -11.10 29.52 15.17
CA PRO A 2 -11.94 28.78 16.11
C PRO A 2 -12.43 27.46 15.52
N PHE A 3 -13.06 26.62 16.35
CA PHE A 3 -13.57 25.35 15.86
C PHE A 3 -14.63 25.57 14.79
N THR A 4 -15.74 26.19 15.16
CA THR A 4 -16.74 26.58 14.18
C THR A 4 -16.23 27.79 13.40
N TYR A 5 -16.57 27.83 12.12
CA TYR A 5 -16.09 28.90 11.26
C TYR A 5 -16.61 30.26 11.72
N SER A 6 -15.71 31.24 11.78
CA SER A 6 -16.06 32.60 12.18
C SER A 6 -15.45 33.57 11.18
N ILE A 7 -16.28 34.48 10.67
CA ILE A 7 -15.83 35.41 9.63
C ILE A 7 -14.81 36.40 10.20
N GLU A 8 -15.06 36.92 11.40
CA GLU A 8 -14.18 37.94 11.96
C GLU A 8 -12.78 37.40 12.22
N ALA A 9 -12.68 36.20 12.80
CA ALA A 9 -11.37 35.64 13.11
C ALA A 9 -10.61 35.28 11.84
N THR A 10 -11.32 34.82 10.82
CA THR A 10 -10.67 34.55 9.53
C THR A 10 -10.17 35.84 8.89
N ARG A 11 -10.98 36.90 8.97
CA ARG A 11 -10.55 38.19 8.42
C ARG A 11 -9.33 38.73 9.16
N ASN A 12 -9.28 38.54 10.48
CA ASN A 12 -8.16 39.04 11.26
C ASN A 12 -6.87 38.28 10.98
N LEU A 13 -6.94 37.12 10.33
CA LEU A 13 -5.75 36.34 10.04
C LEU A 13 -4.87 37.04 9.01
N ALA A 14 -3.56 36.89 9.18
CA ALA A 14 -2.63 37.43 8.21
C ALA A 14 -2.65 36.62 6.92
N THR A 15 -2.10 37.19 5.86
CA THR A 15 -2.11 36.52 4.56
C THR A 15 -1.34 35.21 4.60
N THR A 16 -0.18 35.20 5.28
CA THR A 16 0.62 33.99 5.36
C THR A 16 0.13 33.00 6.41
N GLU A 17 -0.88 33.38 7.19
CA GLU A 17 -1.43 32.51 8.23
C GLU A 17 -2.79 31.93 7.86
N ARG A 18 -3.20 32.06 6.61
CA ARG A 18 -4.53 31.63 6.20
C ARG A 18 -4.55 30.16 5.82
N CYS A 19 -5.75 29.58 5.83
CA CYS A 19 -5.90 28.15 5.59
C CYS A 19 -5.55 27.78 4.15
N ILE A 20 -5.94 28.62 3.19
CA ILE A 20 -5.77 28.33 1.77
C ILE A 20 -4.81 29.34 1.17
N GLN A 21 -3.76 28.84 0.51
CA GLN A 21 -2.77 29.68 -0.15
C GLN A 21 -3.04 29.71 -1.64
N ASP A 22 -3.07 30.90 -2.21
CA ASP A 22 -3.26 31.08 -3.65
C ASP A 22 -1.90 31.02 -4.33
N ILE A 23 -1.63 29.92 -5.03
CA ILE A 23 -0.36 29.75 -5.71
C ILE A 23 -0.59 29.60 -7.21
N ARG A 24 -1.63 30.26 -7.72
CA ARG A 24 -1.86 30.27 -9.16
C ARG A 24 -0.70 30.94 -9.89
N ASN A 25 -0.18 32.03 -9.34
CA ASN A 25 0.92 32.75 -9.98
C ASN A 25 2.29 32.17 -9.65
N ALA A 26 2.37 31.20 -8.76
CA ALA A 26 3.63 30.55 -8.40
C ALA A 26 3.44 29.04 -8.40
N PRO A 27 3.27 28.44 -9.58
CA PRO A 27 2.97 27.01 -9.64
C PRO A 27 4.12 26.16 -9.13
N VAL A 28 3.77 24.98 -8.62
CA VAL A 28 4.76 23.99 -8.23
C VAL A 28 5.31 23.37 -9.52
N ARG A 29 6.40 22.60 -9.40
CA ARG A 29 7.15 22.18 -10.58
C ARG A 29 6.28 21.34 -11.52
N ASN A 30 5.84 20.17 -11.05
CA ASN A 30 5.13 19.21 -11.89
C ASN A 30 3.68 19.02 -11.46
N ARG A 31 3.07 20.05 -10.91
CA ARG A 31 1.69 19.98 -10.45
C ARG A 31 0.91 21.21 -10.92
N SER A 32 -0.41 21.07 -10.95
CA SER A 32 -1.32 22.13 -11.34
C SER A 32 -2.20 22.59 -10.19
N THR A 33 -1.67 22.53 -8.97
CA THR A 33 -2.43 22.91 -7.78
C THR A 33 -2.65 24.41 -7.78
N GLN A 34 -3.86 24.85 -8.14
CA GLN A 34 -4.15 26.27 -8.13
C GLN A 34 -4.19 26.82 -6.71
N PHE A 35 -4.92 26.15 -5.82
CA PHE A 35 -5.03 26.55 -4.42
C PHE A 35 -4.47 25.43 -3.56
N GLN A 36 -3.61 25.79 -2.61
CA GLN A 36 -2.93 24.82 -1.77
C GLN A 36 -3.49 24.90 -0.35
N LEU A 37 -3.99 23.77 0.15
CA LEU A 37 -4.43 23.71 1.53
C LEU A 37 -3.21 23.78 2.44
N ALA A 38 -3.24 24.67 3.43
CA ALA A 38 -2.15 24.82 4.37
C ALA A 38 -2.48 23.97 5.60
N GLN A 39 -1.93 22.77 5.64
CA GLN A 39 -2.27 21.81 6.70
C GLN A 39 -1.95 22.37 8.07
N GLN A 40 -0.76 22.94 8.24
CA GLN A 40 -0.37 23.48 9.54
C GLN A 40 -1.23 24.67 9.92
N ASN A 41 -1.51 25.56 8.97
CA ASN A 41 -2.33 26.73 9.27
C ASN A 41 -3.77 26.32 9.57
N MET A 42 -4.29 25.33 8.86
CA MET A 42 -5.64 24.83 9.14
C MET A 42 -5.71 24.22 10.54
N LEU A 43 -4.70 23.43 10.91
CA LEU A 43 -4.68 22.83 12.24
C LEU A 43 -4.58 23.88 13.32
N ALA A 44 -3.77 24.93 13.09
CA ALA A 44 -3.66 26.00 14.07
C ALA A 44 -4.90 26.89 14.10
N TYR A 45 -5.69 26.89 13.04
CA TYR A 45 -6.90 27.71 13.00
C TYR A 45 -8.10 26.99 13.63
N THR A 46 -8.39 25.77 13.20
CA THR A 46 -9.53 25.05 13.75
C THR A 46 -9.26 24.60 15.18
N PHE A 47 -8.25 23.76 15.37
CA PHE A 47 -7.85 23.32 16.71
C PHE A 47 -6.84 24.25 17.34
N GLY A 48 -7.14 25.54 17.36
CA GLY A 48 -6.23 26.52 17.92
C GLY A 48 -6.42 26.70 19.41
N GLU A 49 -7.60 26.38 19.90
CA GLU A 49 -7.89 26.46 21.33
C GLU A 49 -8.70 25.28 21.84
N VAL A 50 -9.00 24.30 20.99
CA VAL A 50 -9.78 23.13 21.37
C VAL A 50 -9.02 21.89 20.93
N ILE A 51 -8.73 21.01 21.89
CA ILE A 51 -8.15 19.70 21.61
C ILE A 51 -9.24 18.66 21.86
N PRO A 52 -9.56 17.80 20.89
CA PRO A 52 -10.63 16.83 21.10
C PRO A 52 -10.33 15.90 22.27
N GLY A 53 -11.39 15.52 22.99
CA GLY A 53 -11.24 14.66 24.14
C GLY A 53 -10.86 15.38 25.41
N PHE A 54 -10.47 16.66 25.32
CA PHE A 54 -10.14 17.46 26.50
C PHE A 54 -10.74 18.86 26.37
N ALA A 55 -11.89 18.96 25.71
CA ALA A 55 -12.59 20.22 25.52
C ALA A 55 -14.02 20.09 26.02
N SER A 56 -14.88 21.05 25.67
CA SER A 56 -16.27 21.00 26.09
C SER A 56 -16.90 19.66 25.73
N ALA A 57 -17.92 19.26 26.50
CA ALA A 57 -18.48 17.93 26.38
C ALA A 57 -19.17 17.69 25.05
N GLY A 58 -19.43 18.76 24.28
CA GLY A 58 -20.00 18.58 22.95
C GLY A 58 -19.01 18.13 21.91
N ILE A 59 -17.72 18.35 22.15
CA ILE A 59 -16.67 17.96 21.20
C ILE A 59 -16.11 16.58 21.54
N ASN A 60 -16.01 16.25 22.83
CA ASN A 60 -15.53 14.93 23.21
C ASN A 60 -16.46 13.84 22.72
N GLY A 61 -17.77 14.05 22.86
CA GLY A 61 -18.75 13.07 22.44
C GLY A 61 -19.12 13.10 20.97
N MET A 62 -18.67 14.12 20.24
CA MET A 62 -19.00 14.22 18.83
C MET A 62 -18.31 13.13 18.03
N ASP A 63 -18.99 12.69 16.97
CA ASP A 63 -18.45 11.63 16.11
C ASP A 63 -17.09 12.05 15.60
N TYR A 64 -16.13 11.13 15.62
CA TYR A 64 -14.77 11.48 15.24
C TYR A 64 -14.66 11.86 13.77
N ARG A 65 -15.49 11.27 12.91
CA ARG A 65 -15.45 11.58 11.49
C ARG A 65 -15.83 13.03 11.21
N ASP A 66 -16.46 13.71 12.17
CA ASP A 66 -16.77 15.13 12.01
C ASP A 66 -15.69 16.03 12.61
N VAL A 67 -15.04 15.58 13.69
CA VAL A 67 -13.90 16.31 14.21
C VAL A 67 -12.73 16.26 13.24
N ILE A 68 -12.44 15.06 12.71
CA ILE A 68 -11.43 14.90 11.67
C ILE A 68 -12.15 15.14 10.35
N GLY A 69 -12.13 16.40 9.90
CA GLY A 69 -12.85 16.78 8.72
C GLY A 69 -13.45 18.16 8.89
N ARG A 70 -13.44 18.66 10.12
CA ARG A 70 -13.79 20.05 10.35
C ARG A 70 -12.79 21.02 9.73
N PRO A 71 -11.48 20.86 9.86
CA PRO A 71 -10.56 21.81 9.22
C PRO A 71 -10.71 21.88 7.71
N VAL A 72 -11.01 20.77 7.05
CA VAL A 72 -11.20 20.81 5.60
C VAL A 72 -12.45 21.63 5.26
N GLU A 73 -13.51 21.48 6.05
CA GLU A 73 -14.71 22.29 5.84
C GLU A 73 -14.40 23.77 6.05
N ASN A 74 -13.62 24.08 7.09
CA ASN A 74 -13.25 25.47 7.35
C ASN A 74 -12.44 26.04 6.19
N ALA A 75 -11.50 25.26 5.65
CA ALA A 75 -10.71 25.73 4.53
C ALA A 75 -11.57 25.93 3.29
N VAL A 76 -12.51 25.02 3.03
CA VAL A 76 -13.36 25.16 1.86
C VAL A 76 -14.22 26.41 1.99
N THR A 77 -14.78 26.65 3.18
CA THR A 77 -15.57 27.86 3.39
C THR A 77 -14.72 29.11 3.24
N GLU A 78 -13.50 29.10 3.79
CA GLU A 78 -12.62 30.25 3.67
C GLU A 78 -12.26 30.53 2.22
N GLY A 79 -11.93 29.49 1.46
CA GLY A 79 -11.60 29.67 0.06
C GLY A 79 -12.77 30.16 -0.76
N THR A 80 -13.96 29.65 -0.48
CA THR A 80 -15.15 30.17 -1.16
C THR A 80 -15.39 31.63 -0.80
N HIS A 81 -15.11 32.00 0.45
CA HIS A 81 -15.30 33.39 0.87
C HIS A 81 -14.32 34.31 0.17
N PHE A 82 -13.05 33.91 0.06
CA PHE A 82 -12.04 34.77 -0.53
C PHE A 82 -12.06 34.69 -2.06
N PHE A 83 -11.78 33.50 -2.61
CA PHE A 83 -11.77 33.30 -4.06
C PHE A 83 -13.10 32.67 -4.48
N ARG A 84 -14.13 33.50 -4.51
CA ARG A 84 -15.46 33.02 -4.87
C ARG A 84 -15.52 32.65 -6.34
N ASP A 85 -16.33 31.63 -6.63
CA ASP A 85 -16.66 31.21 -8.00
C ASP A 85 -15.37 30.67 -8.65
N ASP A 86 -14.29 30.61 -7.88
CA ASP A 86 -13.00 30.22 -8.42
C ASP A 86 -12.27 29.20 -7.56
N PHE A 87 -12.70 28.97 -6.32
CA PHE A 87 -12.02 28.04 -5.45
C PHE A 87 -12.37 26.61 -5.83
N ARG A 88 -11.35 25.78 -6.00
CA ARG A 88 -11.54 24.36 -6.26
C ARG A 88 -10.25 23.63 -5.92
N VAL A 89 -10.34 22.66 -5.04
CA VAL A 89 -9.20 21.82 -4.67
C VAL A 89 -9.58 20.37 -4.92
N ASP A 90 -8.69 19.63 -5.58
CA ASP A 90 -9.00 18.27 -5.96
C ASP A 90 -9.10 17.38 -4.73
N SER A 91 -9.99 16.39 -4.81
CA SER A 91 -10.21 15.49 -3.69
C SER A 91 -8.96 14.73 -3.29
N ASN A 92 -7.99 14.60 -4.20
CA ASN A 92 -6.73 13.96 -3.86
C ASN A 92 -5.85 14.82 -2.96
N ALA A 93 -6.19 16.09 -2.78
CA ALA A 93 -5.56 16.93 -1.78
C ALA A 93 -6.30 16.90 -0.46
N LYS A 94 -7.64 16.88 -0.52
CA LYS A 94 -8.44 16.75 0.68
C LYS A 94 -8.15 15.43 1.39
N ALA A 95 -7.91 14.37 0.63
CA ALA A 95 -7.60 13.08 1.24
C ALA A 95 -6.30 13.14 2.03
N LYS A 96 -5.24 13.66 1.41
CA LYS A 96 -3.95 13.76 2.08
C LYS A 96 -4.05 14.65 3.31
N VAL A 97 -4.72 15.79 3.18
CA VAL A 97 -4.86 16.73 4.29
C VAL A 97 -5.64 16.09 5.43
N ALA A 98 -6.73 15.38 5.11
CA ALA A 98 -7.53 14.75 6.14
C ALA A 98 -6.75 13.65 6.87
N GLY A 99 -5.95 12.88 6.13
CA GLY A 99 -5.13 11.87 6.78
C GLY A 99 -4.10 12.48 7.71
N ASP A 100 -3.43 13.54 7.26
CA ASP A 100 -2.44 14.20 8.11
C ASP A 100 -3.10 14.82 9.35
N ILE A 101 -4.29 15.41 9.18
CA ILE A 101 -5.00 15.99 10.30
C ILE A 101 -5.40 14.91 11.29
N PHE A 102 -5.88 13.77 10.79
CA PHE A 102 -6.20 12.66 11.68
C PHE A 102 -4.99 12.25 12.50
N GLU A 103 -3.84 12.09 11.83
CA GLU A 103 -2.62 11.69 12.52
C GLU A 103 -2.26 12.70 13.61
N ILE A 104 -2.21 13.99 13.25
CA ILE A 104 -1.72 14.98 14.19
C ILE A 104 -2.70 15.19 15.34
N VAL A 105 -4.00 15.20 15.05
CA VAL A 105 -4.99 15.39 16.10
C VAL A 105 -5.00 14.22 17.08
N SER A 106 -4.94 12.98 16.56
CA SER A 106 -4.89 11.83 17.46
C SER A 106 -3.60 11.83 18.27
N SER A 107 -2.49 12.24 17.66
CA SER A 107 -1.24 12.33 18.40
C SER A 107 -1.33 13.37 19.51
N ALA A 108 -2.00 14.49 19.25
CA ALA A 108 -2.17 15.51 20.28
C ALA A 108 -3.07 15.01 21.40
N VAL A 109 -4.14 14.29 21.06
CA VAL A 109 -5.03 13.75 22.08
C VAL A 109 -4.28 12.79 22.99
N MET A 110 -3.52 11.86 22.40
CA MET A 110 -2.77 10.92 23.23
C MET A 110 -1.60 11.59 23.93
N TRP A 111 -1.08 12.71 23.40
CA TRP A 111 -0.08 13.47 24.15
C TRP A 111 -0.69 14.10 25.40
N ASN A 112 -1.91 14.63 25.29
CA ASN A 112 -2.58 15.16 26.47
C ASN A 112 -2.85 14.04 27.48
N CYS A 113 -3.25 12.86 26.98
CA CYS A 113 -3.44 11.72 27.88
C CYS A 113 -2.13 11.36 28.59
N ALA A 114 -1.02 11.35 27.85
CA ALA A 114 0.27 11.04 28.45
C ALA A 114 0.67 12.08 29.47
N ALA A 115 0.40 13.36 29.19
CA ALA A 115 0.72 14.41 30.15
C ALA A 115 -0.08 14.24 31.43
N ARG A 116 -1.37 13.91 31.31
CA ARG A 116 -2.17 13.67 32.51
C ARG A 116 -1.67 12.46 33.29
N TRP A 117 -1.29 11.40 32.57
CA TRP A 117 -0.77 10.19 33.22
C TRP A 117 0.53 10.49 33.95
N ASN A 118 1.43 11.27 33.33
CA ASN A 118 2.68 11.64 33.99
C ASN A 118 2.42 12.52 35.21
N SER A 119 1.46 13.43 35.11
CA SER A 119 1.11 14.26 36.25
C SER A 119 0.59 13.41 37.41
N LEU A 120 -0.22 12.39 37.09
CA LEU A 120 -0.69 11.48 38.13
C LEU A 120 0.48 10.71 38.75
N MET A 121 1.41 10.22 37.92
CA MET A 121 2.51 9.42 38.44
C MET A 121 3.45 10.24 39.32
N VAL A 122 3.74 11.48 38.92
CA VAL A 122 4.70 12.27 39.69
C VAL A 122 4.11 12.64 41.05
N GLY A 123 2.82 12.93 41.11
CA GLY A 123 2.17 13.19 42.37
C GLY A 123 1.23 14.38 42.41
N GLU A 124 0.90 14.95 41.25
CA GLU A 124 -0.02 16.08 41.18
C GLU A 124 -1.49 15.65 41.15
N GLY A 125 -1.80 14.44 41.56
CA GLY A 125 -3.19 14.02 41.56
C GLY A 125 -3.71 13.73 40.17
N TRP A 126 -5.03 13.62 40.07
CA TRP A 126 -5.72 13.28 38.83
C TRP A 126 -6.65 14.43 38.47
N ARG A 127 -6.26 15.21 37.46
CA ARG A 127 -7.11 16.30 37.00
C ARG A 127 -8.48 15.75 36.59
N SER A 128 -9.53 16.41 37.05
CA SER A 128 -10.90 15.92 36.85
C SER A 128 -11.78 16.91 36.11
N GLN A 129 -11.20 17.85 35.37
CA GLN A 129 -12.03 18.74 34.56
C GLN A 129 -12.83 17.97 33.50
N PRO A 130 -12.25 17.09 32.70
CA PRO A 130 -13.07 16.11 31.98
C PRO A 130 -13.21 14.83 32.78
N ARG A 131 -14.41 14.27 32.76
CA ARG A 131 -14.70 13.12 33.59
C ARG A 131 -14.08 11.84 33.03
N TYR A 132 -12.85 11.54 33.45
CA TYR A 132 -12.16 10.31 33.07
C TYR A 132 -11.87 9.48 34.31
N SER A 133 -11.91 8.17 34.16
CA SER A 133 -11.68 7.28 35.29
C SER A 133 -10.23 7.38 35.77
N ARG A 134 -10.05 7.43 37.08
CA ARG A 134 -8.71 7.45 37.65
C ARG A 134 -8.08 6.07 37.58
N PRO A 135 -6.90 5.92 36.99
CA PRO A 135 -6.29 4.60 36.87
C PRO A 135 -6.04 3.98 38.23
N THR A 136 -6.24 2.66 38.31
CA THR A 136 -6.03 1.90 39.55
C THR A 136 -4.63 1.32 39.62
N LEU A 137 -3.62 2.18 39.44
CA LEU A 137 -2.23 1.76 39.46
C LEU A 137 -1.46 2.56 40.50
N SER A 138 -0.44 1.93 41.06
CA SER A 138 0.37 2.59 42.10
C SER A 138 1.22 3.68 41.47
N PRO A 139 1.09 4.93 41.91
CA PRO A 139 1.91 6.00 41.31
C PRO A 139 3.39 5.77 41.52
N SER A 140 4.18 6.13 40.51
CA SER A 140 5.63 6.00 40.54
C SER A 140 6.24 6.83 39.43
N PRO A 141 7.27 7.63 39.72
CA PRO A 141 7.88 8.46 38.67
C PRO A 141 8.52 7.66 37.55
N ARG A 142 8.82 6.38 37.78
CA ARG A 142 9.44 5.56 36.75
C ARG A 142 8.43 4.97 35.77
N ARG A 143 7.13 5.14 36.01
CA ARG A 143 6.09 4.61 35.14
C ARG A 143 5.59 5.63 34.13
N GLN A 144 6.21 6.81 34.07
CA GLN A 144 5.75 7.85 33.15
C GLN A 144 5.96 7.43 31.71
N VAL A 145 5.11 7.97 30.83
CA VAL A 145 5.10 7.60 29.42
C VAL A 145 5.33 8.84 28.58
N ALA A 146 5.95 8.65 27.41
CA ALA A 146 6.23 9.73 26.48
C ALA A 146 5.68 9.35 25.11
N VAL A 147 4.96 10.27 24.49
CA VAL A 147 4.34 10.07 23.18
C VAL A 147 5.12 10.87 22.17
N LEU A 148 5.67 10.18 21.17
CA LEU A 148 6.46 10.81 20.12
C LEU A 148 5.73 10.70 18.79
N ASN A 149 5.57 11.82 18.11
CA ASN A 149 4.99 11.88 16.78
C ASN A 149 6.17 11.85 15.79
N LEU A 150 6.46 10.66 15.27
CA LEU A 150 7.63 10.49 14.43
C LEU A 150 7.48 11.28 13.13
N PRO A 151 8.57 11.86 12.61
CA PRO A 151 8.47 12.69 11.40
C PRO A 151 8.25 11.87 10.13
N ARG A 152 8.27 12.56 8.99
CA ARG A 152 7.90 11.93 7.72
C ARG A 152 8.89 10.84 7.33
N SER A 153 10.18 11.10 7.42
CA SER A 153 11.21 10.18 6.94
C SER A 153 12.22 9.86 8.04
N PHE A 154 11.71 9.53 9.22
CA PHE A 154 12.56 9.19 10.34
C PHE A 154 13.24 7.84 10.11
N ASP A 155 14.03 7.40 11.09
CA ASP A 155 14.64 6.09 11.07
C ASP A 155 14.10 5.18 12.15
N TRP A 156 13.75 5.75 13.31
CA TRP A 156 13.14 5.05 14.45
C TRP A 156 14.17 4.17 15.15
N VAL A 157 15.35 4.05 14.55
CA VAL A 157 16.44 3.33 15.20
C VAL A 157 17.33 4.29 16.00
N SER A 158 17.36 5.57 15.61
CA SER A 158 18.11 6.56 16.37
C SER A 158 17.56 6.75 17.77
N LEU A 159 16.30 6.36 18.01
CA LEU A 159 15.74 6.46 19.35
C LEU A 159 16.44 5.51 20.32
N LEU A 160 16.86 4.35 19.85
CA LEU A 160 17.48 3.35 20.71
C LEU A 160 18.82 3.86 21.25
N VAL A 161 19.20 3.34 22.42
CA VAL A 161 20.45 3.69 23.08
C VAL A 161 21.61 3.23 22.21
N PRO A 162 22.75 3.93 22.23
CA PRO A 162 23.86 3.53 21.35
C PRO A 162 24.36 2.12 21.60
N GLU A 163 24.26 1.61 22.84
CA GLU A 163 24.67 0.24 23.10
C GLU A 163 23.79 -0.76 22.36
N SER A 164 22.48 -0.49 22.32
CA SER A 164 21.54 -1.36 21.61
C SER A 164 21.36 -0.97 20.15
N GLN A 165 21.93 0.16 19.72
CA GLN A 165 21.90 0.54 18.32
C GLN A 165 23.05 -0.04 17.53
N GLU A 166 24.13 -0.46 18.20
CA GLU A 166 25.29 -1.00 17.50
C GLU A 166 24.95 -2.31 16.81
N VAL A 167 24.17 -3.18 17.45
CA VAL A 167 23.80 -4.45 16.84
C VAL A 167 22.93 -4.23 15.60
N ILE A 168 21.97 -3.32 15.69
CA ILE A 168 21.12 -3.02 14.54
C ILE A 168 21.94 -2.43 13.40
N GLU A 169 22.86 -1.52 13.73
CA GLU A 169 23.70 -0.93 12.69
C GLU A 169 24.61 -1.98 12.06
N GLU A 170 25.14 -2.90 12.86
CA GLU A 170 25.98 -3.97 12.33
C GLU A 170 25.18 -4.88 11.40
N PHE A 171 23.95 -5.21 11.78
CA PHE A 171 23.10 -6.04 10.92
C PHE A 171 22.80 -5.32 9.60
N ARG A 172 22.50 -4.02 9.68
CA ARG A 172 22.23 -3.26 8.47
C ARG A 172 23.47 -3.16 7.58
N ALA A 173 24.64 -3.00 8.18
CA ALA A 173 25.87 -2.94 7.40
C ALA A 173 26.19 -4.28 6.76
N GLY A 174 25.94 -5.38 7.48
CA GLY A 174 26.13 -6.69 6.89
C GLY A 174 25.20 -6.95 5.73
N LEU A 175 23.95 -6.50 5.84
CA LEU A 175 23.03 -6.58 4.71
C LEU A 175 23.49 -5.70 3.56
N ARG A 176 24.02 -4.51 3.87
CA ARG A 176 24.46 -3.57 2.84
C ARG A 176 25.67 -4.07 2.07
N LYS A 177 26.43 -5.03 2.63
CA LYS A 177 27.60 -5.54 1.94
C LYS A 177 27.23 -6.30 0.68
N ASP A 178 26.00 -6.80 0.58
CA ASP A 178 25.53 -7.53 -0.60
C ASP A 178 24.64 -6.67 -1.48
N GLY A 179 24.66 -5.35 -1.30
CA GLY A 179 23.74 -4.49 -2.02
C GLY A 179 22.29 -4.68 -1.64
N LEU A 180 22.01 -4.79 -0.34
CA LEU A 180 20.65 -4.98 0.16
C LEU A 180 20.30 -3.91 1.18
N GLY A 181 19.17 -4.07 1.86
CA GLY A 181 18.77 -3.12 2.87
C GLY A 181 17.51 -3.58 3.55
N LEU A 182 17.05 -2.76 4.50
CA LEU A 182 15.83 -3.03 5.25
C LEU A 182 14.95 -1.78 5.27
N PRO A 183 14.39 -1.41 4.12
CA PRO A 183 13.55 -0.22 4.06
C PRO A 183 12.22 -0.45 4.77
N THR A 184 11.71 0.60 5.41
CA THR A 184 10.41 0.54 6.06
C THR A 184 9.89 1.95 6.23
N SER A 185 8.58 2.06 6.41
CA SER A 185 7.95 3.33 6.70
C SER A 185 7.86 3.50 8.22
N THR A 186 8.15 4.70 8.69
CA THR A 186 8.14 4.97 10.11
C THR A 186 6.72 4.86 10.66
N PRO A 187 6.49 4.12 11.74
CA PRO A 187 5.18 4.13 12.37
C PRO A 187 4.80 5.54 12.79
N ASP A 188 3.53 5.89 12.61
CA ASP A 188 3.11 7.27 12.75
C ASP A 188 3.23 7.79 14.18
N LEU A 189 3.31 6.91 15.17
CA LEU A 189 3.47 7.36 16.55
C LEU A 189 4.15 6.27 17.36
N ALA A 190 4.92 6.69 18.38
CA ALA A 190 5.60 5.75 19.25
C ALA A 190 5.39 6.19 20.70
N VAL A 191 4.80 5.32 21.51
CA VAL A 191 4.65 5.53 22.93
C VAL A 191 5.74 4.74 23.63
N VAL A 192 6.61 5.42 24.37
CA VAL A 192 7.76 4.81 25.02
C VAL A 192 7.73 5.15 26.50
N VAL A 193 8.60 4.49 27.26
CA VAL A 193 8.76 4.77 28.68
C VAL A 193 9.76 5.90 28.82
N LEU A 194 9.41 6.89 29.63
CA LEU A 194 10.25 8.08 29.78
C LEU A 194 11.63 7.69 30.32
N PRO A 195 12.71 8.17 29.71
CA PRO A 195 14.05 7.87 30.25
C PRO A 195 14.21 8.45 31.65
N GLU A 196 15.03 7.76 32.46
CA GLU A 196 15.15 8.11 33.87
C GLU A 196 15.70 9.52 34.05
N GLU A 197 16.50 10.01 33.12
CA GLU A 197 17.04 11.36 33.25
C GLU A 197 16.04 12.44 32.88
N PHE A 198 14.93 12.09 32.23
CA PHE A 198 13.87 13.03 31.91
C PHE A 198 12.70 12.95 32.89
N GLN A 199 12.77 12.08 33.90
CA GLN A 199 11.64 11.82 34.78
C GLN A 199 11.40 12.93 35.79
N ASN A 200 12.08 14.07 35.67
CA ASN A 200 11.80 15.23 36.50
C ASN A 200 11.46 16.47 35.70
N ASP A 201 11.51 16.41 34.37
CA ASP A 201 11.15 17.56 33.56
C ASP A 201 9.67 17.87 33.67
N GLU A 202 9.35 19.16 33.76
CA GLU A 202 7.97 19.61 33.84
C GLU A 202 7.32 19.77 32.47
N MET A 203 8.07 19.55 31.39
CA MET A 203 7.54 19.65 30.04
C MET A 203 6.61 18.50 29.70
N TRP A 204 6.90 17.30 30.18
CA TRP A 204 6.09 16.13 29.91
C TRP A 204 4.92 15.98 30.89
N ARG A 205 4.50 17.07 31.53
CA ARG A 205 3.42 17.02 32.52
C ARG A 205 2.44 18.17 32.37
N GLU A 206 2.55 18.99 31.33
CA GLU A 206 1.64 20.09 31.10
C GLU A 206 0.81 19.82 29.86
N GLU A 207 -0.51 19.79 30.02
CA GLU A 207 -1.40 19.61 28.89
C GLU A 207 -1.43 20.85 28.02
N ILE A 208 -1.31 20.66 26.71
CA ILE A 208 -1.36 21.78 25.77
C ILE A 208 -2.81 22.24 25.63
N ALA A 209 -3.01 23.56 25.63
CA ALA A 209 -4.36 24.11 25.54
C ALA A 209 -4.92 24.04 24.13
N GLY A 210 -4.09 23.81 23.12
CA GLY A 210 -4.55 23.71 21.76
C GLY A 210 -3.41 23.39 20.84
N LEU A 211 -3.74 23.17 19.57
CA LEU A 211 -2.73 22.83 18.56
C LEU A 211 -2.29 24.10 17.82
N THR A 212 -1.80 25.07 18.59
CA THR A 212 -1.22 26.25 18.00
C THR A 212 0.12 25.92 17.35
N ARG A 213 0.62 26.84 16.54
CA ARG A 213 1.88 26.61 15.85
C ARG A 213 3.04 26.32 16.80
N PRO A 214 3.24 27.08 17.90
CA PRO A 214 4.27 26.66 18.87
C PRO A 214 4.02 25.27 19.42
N ASN A 215 2.75 24.92 19.69
CA ASN A 215 2.45 23.59 20.20
C ASN A 215 2.62 22.53 19.12
N GLN A 216 2.33 22.85 17.87
CA GLN A 216 2.63 21.93 16.78
C GLN A 216 4.11 21.65 16.71
N ILE A 217 4.94 22.69 16.83
CA ILE A 217 6.39 22.50 16.82
C ILE A 217 6.84 21.67 18.01
N LEU A 218 6.24 21.93 19.19
CA LEU A 218 6.59 21.18 20.39
C LEU A 218 6.27 19.69 20.21
N LEU A 219 5.08 19.38 19.70
CA LEU A 219 4.70 17.97 19.53
C LEU A 219 5.54 17.30 18.44
N SER A 220 5.76 18.00 17.32
CA SER A 220 6.51 17.41 16.23
C SER A 220 7.95 17.11 16.63
N GLY A 221 8.57 18.02 17.38
CA GLY A 221 9.97 17.87 17.76
C GLY A 221 10.19 17.18 19.08
N ALA A 222 9.18 16.46 19.57
CA ALA A 222 9.31 15.75 20.83
C ALA A 222 10.24 14.55 20.73
N TYR A 223 10.44 14.01 19.52
CA TYR A 223 11.31 12.85 19.37
C TYR A 223 12.78 13.23 19.45
N GLN A 224 13.13 14.48 19.15
CA GLN A 224 14.53 14.87 19.11
C GLN A 224 15.20 14.73 20.48
N ARG A 225 14.48 15.10 21.53
CA ARG A 225 15.04 15.04 22.88
C ARG A 225 15.28 13.61 23.34
N LEU A 226 14.60 12.63 22.74
CA LEU A 226 14.75 11.23 23.10
C LEU A 226 15.60 10.47 22.10
N GLN A 227 16.37 11.17 21.27
CA GLN A 227 17.16 10.53 20.22
C GLN A 227 18.35 9.82 20.86
N GLY A 228 18.19 8.53 21.12
CA GLY A 228 19.25 7.74 21.71
C GLY A 228 19.16 7.64 23.21
N ARG A 229 17.94 7.55 23.73
CA ARG A 229 17.74 7.46 25.18
C ARG A 229 16.71 6.42 25.60
N VAL A 230 16.05 5.74 24.66
CA VAL A 230 15.08 4.71 25.01
C VAL A 230 15.75 3.35 24.88
N GLN A 231 15.27 2.40 25.66
CA GLN A 231 15.78 1.04 25.62
C GLN A 231 14.97 0.20 24.64
N PRO A 232 15.55 -0.87 24.12
CA PRO A 232 14.79 -1.73 23.19
C PRO A 232 13.49 -2.24 23.78
N GLY A 233 13.48 -2.58 25.07
CA GLY A 233 12.27 -3.01 25.75
C GLY A 233 11.40 -1.89 26.26
N GLU A 234 11.86 -0.64 26.16
CA GLU A 234 11.09 0.49 26.67
C GLU A 234 10.18 1.12 25.64
N ILE A 235 10.20 0.64 24.40
CA ILE A 235 9.27 1.12 23.38
C ILE A 235 7.93 0.44 23.67
N SER A 236 7.05 1.15 24.38
CA SER A 236 5.84 0.52 24.90
C SER A 236 4.91 0.07 23.79
N LEU A 237 4.71 0.91 22.78
CA LEU A 237 3.76 0.60 21.71
C LEU A 237 4.03 1.50 20.51
N ALA A 238 3.65 1.00 19.33
CA ALA A 238 3.70 1.77 18.10
C ALA A 238 2.31 1.85 17.51
N VAL A 239 1.96 3.00 16.94
CA VAL A 239 0.63 3.23 16.40
C VAL A 239 0.75 3.72 14.97
N ALA A 240 0.00 3.09 14.07
CA ALA A 240 -0.11 3.51 12.69
C ALA A 240 -1.51 4.09 12.49
N PHE A 241 -1.59 5.40 12.25
CA PHE A 241 -2.86 6.07 12.00
C PHE A 241 -3.13 6.02 10.51
N ALA A 242 -3.92 5.03 10.09
CA ALA A 242 -4.29 4.86 8.69
C ALA A 242 -5.81 4.98 8.60
N ARG A 243 -6.27 6.12 8.10
CA ARG A 243 -7.71 6.40 8.05
C ARG A 243 -8.34 5.75 6.83
N SER A 244 -9.42 5.00 7.06
CA SER A 244 -10.23 4.41 6.00
C SER A 244 -9.39 3.50 5.10
N LEU A 245 -8.92 2.41 5.69
CA LEU A 245 -8.15 1.42 4.96
C LEU A 245 -8.91 0.88 3.76
N ARG A 246 -8.15 0.32 2.83
CA ARG A 246 -8.67 -0.43 1.69
C ARG A 246 -8.11 -1.85 1.76
N SER A 247 -8.40 -2.64 0.73
CA SER A 247 -7.97 -4.03 0.73
C SER A 247 -6.55 -4.22 0.20
N ASP A 248 -5.88 -3.15 -0.20
CA ASP A 248 -4.49 -3.21 -0.62
C ASP A 248 -3.57 -2.29 0.17
N ARG A 249 -4.10 -1.20 0.73
CA ARG A 249 -3.28 -0.29 1.52
C ARG A 249 -2.97 -0.86 2.90
N LEU A 250 -3.83 -1.74 3.42
CA LEU A 250 -3.60 -2.30 4.75
C LEU A 250 -2.34 -3.16 4.82
N TYR A 251 -1.76 -3.52 3.68
CA TYR A 251 -0.51 -4.25 3.69
C TYR A 251 0.71 -3.35 3.90
N GLN A 252 0.51 -2.03 3.94
CA GLN A 252 1.64 -1.16 4.24
C GLN A 252 1.92 -1.15 5.75
N PRO A 253 0.91 -0.95 6.62
CA PRO A 253 1.21 -1.06 8.06
C PRO A 253 1.73 -2.43 8.47
N LEU A 254 1.21 -3.50 7.86
CA LEU A 254 1.68 -4.85 8.20
C LEU A 254 3.18 -4.97 8.01
N TYR A 255 3.68 -4.56 6.84
CA TYR A 255 5.11 -4.52 6.63
C TYR A 255 5.79 -3.64 7.67
N GLU A 256 5.19 -2.47 7.95
CA GLU A 256 5.75 -1.57 8.96
C GLU A 256 5.91 -2.28 10.30
N ALA A 257 5.07 -3.27 10.57
CA ALA A 257 5.23 -4.06 11.79
C ALA A 257 6.11 -5.27 11.56
N ASN A 258 6.02 -5.91 10.39
CA ASN A 258 6.77 -7.13 10.15
C ASN A 258 8.28 -6.87 10.22
N VAL A 259 8.72 -5.73 9.70
CA VAL A 259 10.11 -5.33 9.86
C VAL A 259 10.38 -4.95 11.31
N MET A 260 9.44 -4.24 11.94
CA MET A 260 9.70 -3.68 13.27
C MET A 260 10.07 -4.77 14.27
N GLN A 261 9.23 -5.79 14.38
CA GLN A 261 9.55 -6.90 15.29
C GLN A 261 10.84 -7.57 14.88
N LEU A 262 11.11 -7.66 13.57
CA LEU A 262 12.35 -8.26 13.09
C LEU A 262 13.56 -7.55 13.66
N LEU A 263 13.44 -6.26 13.96
CA LEU A 263 14.54 -5.49 14.53
C LEU A 263 14.42 -5.30 16.03
N LEU A 264 13.38 -5.85 16.66
CA LEU A 264 13.21 -5.67 18.10
C LEU A 264 13.13 -7.00 18.82
N GLU A 265 12.63 -8.03 18.15
CA GLU A 265 12.53 -9.36 18.72
C GLU A 265 13.65 -10.29 18.25
N GLY A 266 13.90 -10.34 16.95
CA GLY A 266 14.91 -11.23 16.42
C GLY A 266 16.34 -10.71 16.47
N LYS A 267 16.53 -9.44 16.85
CA LYS A 267 17.87 -8.87 16.93
C LYS A 267 18.12 -8.08 18.20
N LEU A 268 17.14 -7.99 19.10
CA LEU A 268 17.31 -7.26 20.34
C LEU A 268 16.80 -7.98 21.58
N GLY A 269 16.01 -9.04 21.42
CA GLY A 269 15.53 -9.79 22.56
C GLY A 269 14.41 -9.14 23.34
N ALA A 270 13.77 -8.11 22.80
CA ALA A 270 12.64 -7.51 23.48
C ALA A 270 11.48 -8.49 23.56
N PRO A 271 10.68 -8.41 24.62
CA PRO A 271 9.60 -9.40 24.79
C PRO A 271 8.58 -9.38 23.66
N LYS A 272 7.98 -8.22 23.40
CA LYS A 272 6.99 -8.10 22.33
C LYS A 272 6.85 -6.64 21.94
N VAL A 273 6.28 -6.42 20.77
CA VAL A 273 6.01 -5.09 20.24
C VAL A 273 4.51 -4.95 20.04
N GLU A 274 3.91 -3.93 20.64
CA GLU A 274 2.46 -3.76 20.60
C GLU A 274 2.10 -2.76 19.50
N PHE A 275 2.43 -3.14 18.27
CA PHE A 275 2.04 -2.35 17.11
C PHE A 275 0.53 -2.46 16.92
N GLU A 276 -0.11 -1.32 16.66
CA GLU A 276 -1.56 -1.32 16.45
C GLU A 276 -1.93 -0.22 15.47
N VAL A 277 -3.07 -0.41 14.83
CA VAL A 277 -3.54 0.46 13.74
C VAL A 277 -4.83 1.12 14.16
N HIS A 278 -4.96 2.42 13.88
CA HIS A 278 -6.19 3.16 14.11
C HIS A 278 -6.79 3.57 12.77
N THR A 279 -8.11 3.51 12.68
CA THR A 279 -8.80 3.87 11.45
C THR A 279 -10.18 4.40 11.81
N LEU A 280 -10.75 5.15 10.87
CA LEU A 280 -12.07 5.75 11.09
C LEU A 280 -13.19 5.03 10.34
N ALA A 281 -12.96 4.65 9.09
CA ALA A 281 -13.97 4.00 8.27
C ALA A 281 -13.38 2.76 7.63
N PRO A 282 -13.32 1.64 8.37
CA PRO A 282 -12.83 0.37 7.83
C PRO A 282 -13.89 -0.39 7.04
N GLU A 283 -14.61 0.31 6.19
CA GLU A 283 -15.63 -0.29 5.35
C GLU A 283 -15.07 -0.61 3.97
N GLY A 284 -15.79 -1.48 3.25
CA GLY A 284 -15.30 -1.93 1.97
C GLY A 284 -14.04 -2.75 2.05
N THR A 285 -13.81 -3.42 3.18
CA THR A 285 -12.61 -4.22 3.39
C THR A 285 -12.90 -5.25 4.46
N ASN A 286 -11.93 -6.15 4.64
CA ASN A 286 -11.98 -7.19 5.66
C ASN A 286 -10.79 -7.07 6.60
N ALA A 287 -10.42 -5.82 6.93
CA ALA A 287 -9.22 -5.58 7.73
C ALA A 287 -9.29 -6.21 9.11
N PHE A 288 -10.48 -6.49 9.61
CA PHE A 288 -10.61 -7.14 10.91
C PHE A 288 -10.16 -8.60 10.88
N VAL A 289 -9.99 -9.19 9.72
CA VAL A 289 -9.57 -10.58 9.61
C VAL A 289 -8.20 -10.73 8.96
N THR A 290 -7.80 -9.86 8.03
CA THR A 290 -6.48 -9.94 7.41
C THR A 290 -5.41 -9.25 8.24
N TYR A 291 -5.75 -8.75 9.43
CA TYR A 291 -4.77 -8.22 10.36
C TYR A 291 -4.40 -9.23 11.45
N GLU A 292 -4.77 -10.50 11.26
CA GLU A 292 -4.31 -11.58 12.11
C GLU A 292 -3.05 -12.24 11.55
N ALA A 293 -2.25 -11.49 10.81
CA ALA A 293 -1.11 -12.06 10.11
C ALA A 293 -0.02 -12.50 11.08
N ALA A 294 0.90 -13.32 10.58
CA ALA A 294 2.01 -13.83 11.36
C ALA A 294 3.21 -12.89 11.20
N SER A 295 4.38 -13.37 11.61
CA SER A 295 5.60 -12.57 11.63
C SER A 295 6.74 -13.46 11.13
N LEU A 296 7.98 -13.05 11.41
CA LEU A 296 9.18 -13.78 11.01
C LEU A 296 9.17 -15.22 11.51
N TYR A 297 8.21 -15.56 12.37
CA TYR A 297 7.79 -16.91 12.76
C TYR A 297 8.85 -17.68 13.54
N GLY A 298 10.05 -17.14 13.72
CA GLY A 298 11.03 -17.72 14.62
C GLY A 298 11.37 -19.18 14.36
N LEU A 299 10.95 -20.05 15.28
CA LEU A 299 11.23 -21.48 15.19
C LEU A 299 10.35 -22.11 14.11
N ALA A 300 10.38 -23.43 14.02
CA ALA A 300 9.65 -24.13 12.96
C ALA A 300 8.15 -23.88 13.06
N GLU A 301 7.53 -24.33 14.16
CA GLU A 301 6.10 -24.13 14.36
C GLU A 301 5.79 -24.30 15.84
N GLY A 302 4.56 -23.94 16.20
CA GLY A 302 4.10 -24.03 17.57
C GLY A 302 3.68 -22.67 18.11
N ARG A 303 3.82 -22.51 19.42
CA ARG A 303 3.51 -21.25 20.11
C ARG A 303 4.76 -20.61 20.67
N SER A 304 5.91 -20.84 20.02
CA SER A 304 7.18 -20.34 20.55
C SER A 304 7.37 -18.86 20.25
N ALA A 305 7.42 -18.50 18.97
CA ALA A 305 7.69 -17.12 18.57
C ALA A 305 6.74 -16.69 17.46
N VAL A 306 5.46 -17.01 17.60
CA VAL A 306 4.44 -16.63 16.65
C VAL A 306 3.39 -15.77 17.37
N HIS A 307 2.99 -14.69 16.72
CA HIS A 307 2.01 -13.76 17.28
C HIS A 307 1.52 -12.87 16.16
N ARG A 308 0.43 -12.15 16.43
CA ARG A 308 -0.13 -11.25 15.44
C ARG A 308 0.80 -10.09 15.17
N ALA A 309 1.01 -9.77 13.89
CA ALA A 309 1.84 -8.63 13.53
C ALA A 309 1.23 -7.32 14.02
N ILE A 310 -0.10 -7.18 13.86
CA ILE A 310 -0.84 -6.04 14.36
C ILE A 310 -1.64 -6.50 15.57
N ARG A 311 -1.41 -5.87 16.72
CA ARG A 311 -2.06 -6.31 17.94
C ARG A 311 -3.57 -6.14 17.87
N GLU A 312 -4.03 -5.00 17.34
CA GLU A 312 -5.46 -4.72 17.31
C GLU A 312 -5.72 -3.57 16.34
N LEU A 313 -6.88 -3.61 15.71
CA LEU A 313 -7.37 -2.50 14.91
C LEU A 313 -8.42 -1.74 15.70
N TYR A 314 -8.29 -0.43 15.77
CA TYR A 314 -9.20 0.41 16.54
C TYR A 314 -9.98 1.33 15.61
N VAL A 315 -11.23 1.57 15.96
CA VAL A 315 -12.08 2.53 15.26
C VAL A 315 -12.71 3.44 16.30
N PRO A 316 -12.11 4.59 16.61
CA PRO A 316 -12.62 5.44 17.68
C PRO A 316 -13.99 5.99 17.35
N PRO A 317 -15.01 5.66 18.15
CA PRO A 317 -16.35 6.20 17.91
C PRO A 317 -16.39 7.70 18.13
N THR A 318 -15.90 8.14 19.29
CA THR A 318 -15.82 9.55 19.65
C THR A 318 -14.37 9.91 19.93
N ALA A 319 -14.14 11.19 20.21
CA ALA A 319 -12.79 11.64 20.55
C ALA A 319 -12.40 11.25 21.96
N ALA A 320 -13.37 11.13 22.87
CA ALA A 320 -13.09 10.71 24.24
C ALA A 320 -12.84 9.21 24.35
N ASP A 321 -13.38 8.42 23.43
CA ASP A 321 -13.16 6.98 23.50
C ASP A 321 -11.70 6.63 23.24
N LEU A 322 -11.03 7.39 22.36
CA LEU A 322 -9.60 7.18 22.16
C LEU A 322 -8.82 7.44 23.43
N ALA A 323 -9.14 8.53 24.14
CA ALA A 323 -8.47 8.82 25.39
C ALA A 323 -8.74 7.74 26.44
N ARG A 324 -9.98 7.27 26.51
CA ARG A 324 -10.32 6.22 27.47
C ARG A 324 -9.56 4.93 27.16
N ARG A 325 -9.48 4.57 25.88
CA ARG A 325 -8.74 3.37 25.50
C ARG A 325 -7.26 3.51 25.82
N PHE A 326 -6.68 4.69 25.55
CA PHE A 326 -5.27 4.89 25.87
C PHE A 326 -5.02 4.79 27.37
N PHE A 327 -5.91 5.38 28.18
CA PHE A 327 -5.76 5.28 29.63
C PHE A 327 -5.86 3.84 30.10
N ALA A 328 -6.83 3.09 29.56
CA ALA A 328 -6.98 1.69 29.96
C ALA A 328 -5.76 0.88 29.56
N PHE A 329 -5.23 1.10 28.35
CA PHE A 329 -4.06 0.37 27.91
C PHE A 329 -2.85 0.69 28.78
N LEU A 330 -2.65 1.97 29.10
CA LEU A 330 -1.52 2.35 29.96
C LEU A 330 -1.66 1.72 31.33
N ASN A 331 -2.86 1.78 31.91
CA ASN A 331 -3.06 1.19 33.24
C ASN A 331 -2.79 -0.31 33.21
N GLU A 332 -3.30 -0.99 32.19
CA GLU A 332 -3.16 -2.44 32.12
C GLU A 332 -1.70 -2.85 31.91
N ARG A 333 -0.97 -2.13 31.06
CA ARG A 333 0.36 -2.60 30.65
C ARG A 333 1.51 -1.93 31.39
N MET A 334 1.26 -0.94 32.24
CA MET A 334 2.37 -0.33 32.97
C MET A 334 2.76 -1.09 34.22
N GLU A 335 1.94 -2.04 34.68
CA GLU A 335 2.32 -2.86 35.81
C GLU A 335 3.50 -3.77 35.50
N LYS A 336 3.77 -4.02 34.22
CA LYS A 336 4.94 -4.80 33.83
C LYS A 336 6.23 -4.08 34.21
N VAL A 337 6.27 -2.77 34.03
CA VAL A 337 7.45 -1.98 34.36
C VAL A 337 7.48 -1.76 35.87
N ASN A 338 8.60 -2.12 36.49
CA ASN A 338 8.75 -1.95 37.92
C ASN A 338 8.93 -0.48 38.28
N GLY A 339 8.41 -0.09 39.44
CA GLY A 339 8.50 1.28 39.89
C GLY A 339 7.95 1.49 41.28
N PRO C 2 -11.74 -0.10 -32.85
CA PRO C 2 -10.41 0.08 -33.43
C PRO C 2 -9.47 0.81 -32.47
N PHE C 3 -8.17 0.81 -32.77
CA PHE C 3 -7.22 1.53 -31.93
C PHE C 3 -7.53 3.03 -31.91
N THR C 4 -7.44 3.67 -33.07
CA THR C 4 -7.85 5.07 -33.17
C THR C 4 -9.36 5.16 -33.17
N TYR C 5 -9.89 6.21 -32.53
CA TYR C 5 -11.33 6.35 -32.38
C TYR C 5 -11.98 6.54 -33.75
N SER C 6 -13.06 5.79 -33.98
CA SER C 6 -13.82 5.87 -35.22
C SER C 6 -15.29 6.02 -34.89
N ILE C 7 -15.93 7.01 -35.51
CA ILE C 7 -17.33 7.32 -35.19
C ILE C 7 -18.26 6.21 -35.66
N GLU C 8 -18.01 5.68 -36.87
CA GLU C 8 -18.90 4.67 -37.43
C GLU C 8 -18.90 3.40 -36.59
N ALA C 9 -17.73 2.95 -36.16
CA ALA C 9 -17.66 1.71 -35.38
C ALA C 9 -18.31 1.88 -34.02
N THR C 10 -18.16 3.05 -33.40
CA THR C 10 -18.85 3.31 -32.14
C THR C 10 -20.35 3.34 -32.33
N ARG C 11 -20.82 3.94 -33.43
CA ARG C 11 -22.25 3.97 -33.71
C ARG C 11 -22.79 2.56 -33.95
N ASN C 12 -22.01 1.70 -34.60
CA ASN C 12 -22.44 0.34 -34.87
C ASN C 12 -22.41 -0.55 -33.64
N LEU C 13 -21.79 -0.12 -32.55
CA LEU C 13 -21.74 -0.92 -31.34
C LEU C 13 -23.13 -1.03 -30.71
N ALA C 14 -23.37 -2.18 -30.07
CA ALA C 14 -24.62 -2.38 -29.35
C ALA C 14 -24.65 -1.52 -28.09
N THR C 15 -25.86 -1.33 -27.55
CA THR C 15 -26.02 -0.50 -26.37
C THR C 15 -25.31 -1.10 -25.17
N THR C 16 -25.38 -2.42 -25.00
CA THR C 16 -24.73 -3.10 -23.89
C THR C 16 -23.26 -3.39 -24.14
N GLU C 17 -22.73 -3.03 -25.31
CA GLU C 17 -21.35 -3.29 -25.66
C GLU C 17 -20.51 -2.02 -25.69
N ARG C 18 -21.08 -0.88 -25.28
CA ARG C 18 -20.37 0.39 -25.37
C ARG C 18 -19.39 0.56 -24.23
N CYS C 19 -18.43 1.46 -24.44
CA CYS C 19 -17.37 1.66 -23.45
C CYS C 19 -17.92 2.24 -22.15
N ILE C 20 -18.83 3.21 -22.24
CA ILE C 20 -19.35 3.92 -21.07
C ILE C 20 -20.80 3.52 -20.87
N GLN C 21 -21.13 3.09 -19.66
CA GLN C 21 -22.48 2.70 -19.30
C GLN C 21 -23.11 3.81 -18.47
N ASP C 22 -24.31 4.22 -18.85
CA ASP C 22 -25.06 5.25 -18.14
C ASP C 22 -25.86 4.57 -17.03
N ILE C 23 -25.46 4.79 -15.78
CA ILE C 23 -26.14 4.20 -14.64
C ILE C 23 -26.66 5.28 -13.72
N ARG C 24 -27.03 6.43 -14.29
CA ARG C 24 -27.63 7.49 -13.50
C ARG C 24 -28.94 7.03 -12.87
N ASN C 25 -29.74 6.28 -13.61
CA ASN C 25 -31.03 5.80 -13.13
C ASN C 25 -30.94 4.49 -12.34
N ALA C 26 -29.78 3.84 -12.32
CA ALA C 26 -29.58 2.61 -11.57
C ALA C 26 -28.30 2.73 -10.76
N PRO C 27 -28.30 3.56 -9.71
CA PRO C 27 -27.06 3.81 -8.97
C PRO C 27 -26.57 2.59 -8.23
N VAL C 28 -25.27 2.55 -8.00
CA VAL C 28 -24.65 1.54 -7.15
C VAL C 28 -25.03 1.88 -5.71
N ARG C 29 -24.86 0.95 -4.79
CA ARG C 29 -25.42 1.10 -3.44
C ARG C 29 -24.84 2.31 -2.74
N ASN C 30 -23.54 2.32 -2.49
CA ASN C 30 -22.89 3.35 -1.70
C ASN C 30 -21.91 4.17 -2.54
N ARG C 31 -22.29 4.47 -3.78
CA ARG C 31 -21.45 5.25 -4.68
C ARG C 31 -22.32 6.21 -5.47
N SER C 32 -21.67 7.21 -6.07
CA SER C 32 -22.33 8.20 -6.89
C SER C 32 -21.78 8.20 -8.31
N THR C 33 -21.40 7.04 -8.82
CA THR C 33 -20.84 6.91 -10.16
C THR C 33 -21.94 7.10 -11.17
N GLN C 34 -22.03 8.31 -11.75
CA GLN C 34 -23.06 8.58 -12.75
C GLN C 34 -22.80 7.77 -14.01
N PHE C 35 -21.59 7.83 -14.55
CA PHE C 35 -21.21 7.09 -15.73
C PHE C 35 -20.09 6.12 -15.35
N GLN C 36 -20.24 4.86 -15.76
CA GLN C 36 -19.31 3.80 -15.39
C GLN C 36 -18.50 3.40 -16.61
N LEU C 37 -17.17 3.50 -16.50
CA LEU C 37 -16.30 2.92 -17.50
C LEU C 37 -16.41 1.40 -17.44
N ALA C 38 -16.45 0.75 -18.60
CA ALA C 38 -16.56 -0.70 -18.66
C ALA C 38 -15.25 -1.23 -19.25
N GLN C 39 -14.31 -1.57 -18.36
CA GLN C 39 -12.94 -1.87 -18.80
C GLN C 39 -12.89 -3.02 -19.79
N GLN C 40 -13.77 -4.02 -19.65
CA GLN C 40 -13.80 -5.10 -20.61
C GLN C 40 -14.23 -4.61 -21.98
N ASN C 41 -15.23 -3.72 -22.02
CA ASN C 41 -15.74 -3.25 -23.31
C ASN C 41 -14.73 -2.36 -24.01
N MET C 42 -14.04 -1.48 -23.28
CA MET C 42 -13.03 -0.64 -23.91
C MET C 42 -11.80 -1.45 -24.31
N LEU C 43 -11.46 -2.47 -23.52
CA LEU C 43 -10.36 -3.35 -23.92
C LEU C 43 -10.70 -4.09 -25.21
N ALA C 44 -11.94 -4.55 -25.34
CA ALA C 44 -12.34 -5.22 -26.57
C ALA C 44 -12.55 -4.25 -27.73
N TYR C 45 -12.77 -2.97 -27.44
CA TYR C 45 -12.98 -1.98 -28.49
C TYR C 45 -11.65 -1.45 -29.04
N THR C 46 -10.81 -0.91 -28.16
CA THR C 46 -9.52 -0.37 -28.60
C THR C 46 -8.59 -1.48 -29.07
N PHE C 47 -8.25 -2.41 -28.17
CA PHE C 47 -7.39 -3.54 -28.52
C PHE C 47 -8.21 -4.72 -29.03
N GLY C 48 -9.05 -4.46 -30.02
CA GLY C 48 -9.87 -5.52 -30.59
C GLY C 48 -9.15 -6.30 -31.66
N GLU C 49 -8.47 -5.59 -32.55
CA GLU C 49 -7.71 -6.22 -33.62
C GLU C 49 -6.22 -5.89 -33.56
N VAL C 50 -5.78 -5.18 -32.53
CA VAL C 50 -4.39 -4.78 -32.37
C VAL C 50 -3.92 -5.15 -30.99
N ILE C 51 -2.84 -5.91 -30.90
CA ILE C 51 -2.15 -6.22 -29.66
C ILE C 51 -0.80 -5.54 -29.68
N PRO C 52 -0.44 -4.75 -28.67
CA PRO C 52 0.84 -4.05 -28.69
C PRO C 52 2.00 -5.03 -28.73
N GLY C 53 3.06 -4.63 -29.43
CA GLY C 53 4.22 -5.49 -29.57
C GLY C 53 4.10 -6.55 -30.64
N PHE C 54 2.90 -6.76 -31.18
CA PHE C 54 2.69 -7.72 -32.26
C PHE C 54 1.74 -7.15 -33.32
N ALA C 55 1.78 -5.83 -33.51
CA ALA C 55 0.96 -5.14 -34.48
C ALA C 55 1.85 -4.31 -35.41
N SER C 56 1.25 -3.41 -36.18
CA SER C 56 2.02 -2.55 -37.08
C SER C 56 3.14 -1.86 -36.34
N ALA C 57 4.22 -1.55 -37.06
CA ALA C 57 5.44 -1.05 -36.45
C ALA C 57 5.26 0.32 -35.80
N GLY C 58 4.17 1.02 -36.07
CA GLY C 58 3.91 2.27 -35.39
C GLY C 58 3.37 2.13 -33.98
N ILE C 59 2.81 0.96 -33.67
CA ILE C 59 2.27 0.69 -32.34
C ILE C 59 3.29 0.04 -31.43
N ASN C 60 4.14 -0.83 -31.99
CA ASN C 60 5.20 -1.44 -31.18
C ASN C 60 6.18 -0.39 -30.68
N GLY C 61 6.57 0.55 -31.55
CA GLY C 61 7.50 1.59 -31.16
C GLY C 61 6.90 2.77 -30.43
N MET C 62 5.57 2.81 -30.31
CA MET C 62 4.92 3.92 -29.63
C MET C 62 5.20 3.86 -28.13
N ASP C 63 5.26 5.04 -27.54
CA ASP C 63 5.54 5.14 -26.09
C ASP C 63 4.45 4.36 -25.36
N TYR C 64 4.84 3.60 -24.35
CA TYR C 64 3.86 2.75 -23.67
C TYR C 64 2.82 3.55 -22.91
N ARG C 65 3.18 4.74 -22.41
CA ARG C 65 2.20 5.56 -21.70
C ARG C 65 1.10 6.08 -22.61
N ASP C 66 1.26 5.97 -23.93
CA ASP C 66 0.20 6.32 -24.87
C ASP C 66 -0.66 5.12 -25.24
N VAL C 67 -0.05 3.93 -25.30
CA VAL C 67 -0.83 2.71 -25.54
C VAL C 67 -1.68 2.39 -24.33
N ILE C 68 -1.10 2.48 -23.12
CA ILE C 68 -1.84 2.30 -21.88
C ILE C 68 -2.40 3.67 -21.51
N GLY C 69 -3.60 3.95 -22.01
CA GLY C 69 -4.20 5.25 -21.84
C GLY C 69 -4.97 5.64 -23.08
N ARG C 70 -4.75 4.89 -24.17
CA ARG C 70 -5.62 5.02 -25.34
C ARG C 70 -7.06 4.60 -25.06
N PRO C 71 -7.34 3.46 -24.39
CA PRO C 71 -8.74 3.12 -24.13
C PRO C 71 -9.48 4.16 -23.30
N VAL C 72 -8.81 4.81 -22.34
CA VAL C 72 -9.47 5.84 -21.56
C VAL C 72 -9.80 7.04 -22.42
N GLU C 73 -8.90 7.40 -23.35
CA GLU C 73 -9.19 8.48 -24.28
C GLU C 73 -10.38 8.12 -25.18
N ASN C 74 -10.43 6.88 -25.65
CA ASN C 74 -11.55 6.45 -26.47
C ASN C 74 -12.86 6.51 -25.70
N ALA C 75 -12.84 6.07 -24.44
CA ALA C 75 -14.04 6.12 -23.61
C ALA C 75 -14.49 7.55 -23.36
N VAL C 76 -13.55 8.44 -23.07
CA VAL C 76 -13.90 9.84 -22.82
C VAL C 76 -14.50 10.46 -24.06
N THR C 77 -13.90 10.20 -25.23
CA THR C 77 -14.43 10.74 -26.48
C THR C 77 -15.82 10.18 -26.77
N GLU C 78 -16.01 8.88 -26.55
CA GLU C 78 -17.32 8.27 -26.78
C GLU C 78 -18.38 8.86 -25.86
N GLY C 79 -18.05 9.02 -24.57
CA GLY C 79 -18.99 9.60 -23.64
C GLY C 79 -19.33 11.04 -23.96
N THR C 80 -18.32 11.81 -24.39
CA THR C 80 -18.59 13.19 -24.82
C THR C 80 -19.50 13.20 -26.04
N HIS C 81 -19.29 12.27 -26.97
CA HIS C 81 -20.13 12.19 -28.16
C HIS C 81 -21.57 11.84 -27.79
N PHE C 82 -21.77 10.90 -26.87
CA PHE C 82 -23.13 10.47 -26.55
C PHE C 82 -23.80 11.43 -25.57
N PHE C 83 -23.26 11.55 -24.36
CA PHE C 83 -23.82 12.42 -23.33
C PHE C 83 -23.01 13.73 -23.31
N ARG C 84 -23.27 14.58 -24.29
CA ARG C 84 -22.56 15.84 -24.38
C ARG C 84 -22.96 16.77 -23.25
N ASP C 85 -22.01 17.60 -22.81
CA ASP C 85 -22.19 18.60 -21.76
C ASP C 85 -22.62 18.01 -20.44
N ASP C 86 -22.60 16.68 -20.31
CA ASP C 86 -23.08 16.00 -19.13
C ASP C 86 -22.10 14.92 -18.66
N PHE C 87 -21.16 14.51 -19.51
CA PHE C 87 -20.23 13.44 -19.20
C PHE C 87 -19.17 13.93 -18.22
N ARG C 88 -18.92 13.13 -17.17
CA ARG C 88 -17.87 13.43 -16.21
C ARG C 88 -17.57 12.17 -15.42
N VAL C 89 -16.30 11.78 -15.38
CA VAL C 89 -15.84 10.65 -14.60
C VAL C 89 -14.71 11.11 -13.68
N ASP C 90 -14.82 10.79 -12.40
CA ASP C 90 -13.79 11.16 -11.45
C ASP C 90 -12.48 10.46 -11.79
N SER C 91 -11.37 11.17 -11.56
CA SER C 91 -10.06 10.61 -11.89
C SER C 91 -9.75 9.35 -11.11
N ASN C 92 -10.44 9.12 -9.98
CA ASN C 92 -10.25 7.91 -9.21
C ASN C 92 -10.86 6.68 -9.90
N ALA C 93 -11.64 6.88 -10.96
CA ALA C 93 -12.07 5.77 -11.80
C ALA C 93 -11.14 5.55 -12.96
N LYS C 94 -10.65 6.63 -13.56
CA LYS C 94 -9.67 6.53 -14.63
C LYS C 94 -8.39 5.86 -14.14
N ALA C 95 -8.00 6.12 -12.89
CA ALA C 95 -6.81 5.49 -12.33
C ALA C 95 -6.98 3.97 -12.25
N LYS C 96 -8.09 3.52 -11.67
CA LYS C 96 -8.35 2.09 -11.56
C LYS C 96 -8.41 1.43 -12.94
N VAL C 97 -9.13 2.06 -13.86
CA VAL C 97 -9.29 1.50 -15.19
C VAL C 97 -7.94 1.43 -15.92
N ALA C 98 -7.12 2.48 -15.79
CA ALA C 98 -5.81 2.47 -16.44
C ALA C 98 -4.92 1.39 -15.85
N GLY C 99 -4.97 1.20 -14.53
CA GLY C 99 -4.18 0.12 -13.94
C GLY C 99 -4.61 -1.25 -14.44
N ASP C 100 -5.92 -1.49 -14.49
CA ASP C 100 -6.39 -2.79 -14.97
C ASP C 100 -6.06 -2.99 -16.45
N ILE C 101 -6.16 -1.93 -17.25
CA ILE C 101 -5.81 -2.03 -18.66
C ILE C 101 -4.33 -2.32 -18.83
N PHE C 102 -3.48 -1.68 -18.04
CA PHE C 102 -2.05 -2.00 -18.06
C PHE C 102 -1.82 -3.47 -17.75
N GLU C 103 -2.48 -3.96 -16.69
CA GLU C 103 -2.35 -5.36 -16.32
C GLU C 103 -2.71 -6.28 -17.48
N ILE C 104 -3.90 -6.08 -18.05
CA ILE C 104 -4.41 -7.02 -19.05
C ILE C 104 -3.62 -6.91 -20.35
N VAL C 105 -3.26 -5.70 -20.76
CA VAL C 105 -2.52 -5.53 -22.00
C VAL C 105 -1.12 -6.14 -21.89
N SER C 106 -0.43 -5.92 -20.77
CA SER C 106 0.88 -6.54 -20.60
C SER C 106 0.77 -8.05 -20.52
N SER C 107 -0.28 -8.55 -19.87
CA SER C 107 -0.50 -10.00 -19.83
C SER C 107 -0.72 -10.57 -21.23
N ALA C 108 -1.48 -9.85 -22.06
CA ALA C 108 -1.70 -10.30 -23.43
C ALA C 108 -0.42 -10.27 -24.25
N VAL C 109 0.39 -9.23 -24.07
CA VAL C 109 1.66 -9.14 -24.81
C VAL C 109 2.56 -10.32 -24.45
N MET C 110 2.72 -10.59 -23.15
CA MET C 110 3.57 -11.70 -22.78
C MET C 110 2.93 -13.06 -23.07
N TRP C 111 1.61 -13.14 -23.16
CA TRP C 111 0.98 -14.37 -23.63
C TRP C 111 1.29 -14.62 -25.10
N ASN C 112 1.27 -13.57 -25.93
CA ASN C 112 1.68 -13.74 -27.32
C ASN C 112 3.14 -14.15 -27.40
N CYS C 113 3.99 -13.56 -26.56
CA CYS C 113 5.39 -13.96 -26.52
C CYS C 113 5.54 -15.43 -26.13
N ALA C 114 4.76 -15.88 -25.15
CA ALA C 114 4.80 -17.27 -24.74
C ALA C 114 4.33 -18.20 -25.84
N ALA C 115 3.29 -17.79 -26.57
CA ALA C 115 2.81 -18.60 -27.68
C ALA C 115 3.87 -18.74 -28.76
N ARG C 116 4.55 -17.63 -29.09
CA ARG C 116 5.62 -17.71 -30.07
C ARG C 116 6.76 -18.59 -29.58
N TRP C 117 7.11 -18.48 -28.30
CA TRP C 117 8.17 -19.31 -27.73
C TRP C 117 7.81 -20.79 -27.79
N ASN C 118 6.56 -21.13 -27.46
CA ASN C 118 6.13 -22.52 -27.54
C ASN C 118 6.14 -23.02 -28.98
N SER C 119 5.69 -22.19 -29.92
CA SER C 119 5.73 -22.58 -31.32
C SER C 119 7.15 -22.86 -31.77
N LEU C 120 8.10 -22.03 -31.33
CA LEU C 120 9.51 -22.30 -31.64
C LEU C 120 9.99 -23.60 -31.00
N MET C 121 9.60 -23.83 -29.75
CA MET C 121 10.10 -25.00 -29.03
C MET C 121 9.59 -26.31 -29.63
N VAL C 122 8.32 -26.34 -30.05
CA VAL C 122 7.78 -27.56 -30.64
C VAL C 122 8.52 -27.90 -31.94
N GLY C 123 8.79 -26.89 -32.76
CA GLY C 123 9.50 -27.12 -34.01
C GLY C 123 8.80 -26.51 -35.21
N GLU C 124 7.86 -25.61 -34.95
CA GLU C 124 7.10 -24.96 -36.01
C GLU C 124 7.77 -23.67 -36.50
N GLY C 125 9.08 -23.56 -36.33
CA GLY C 125 9.80 -22.39 -36.81
C GLY C 125 9.66 -21.20 -35.89
N TRP C 126 10.14 -20.05 -36.39
CA TRP C 126 10.13 -18.80 -35.65
C TRP C 126 9.47 -17.74 -36.53
N ARG C 127 8.24 -17.37 -36.20
CA ARG C 127 7.53 -16.37 -36.97
C ARG C 127 8.33 -15.08 -37.03
N SER C 128 8.42 -14.49 -38.21
CA SER C 128 9.25 -13.30 -38.43
C SER C 128 8.46 -12.12 -38.95
N GLN C 129 7.13 -12.14 -38.82
CA GLN C 129 6.35 -10.97 -39.23
C GLN C 129 6.70 -9.75 -38.40
N PRO C 130 6.76 -9.81 -37.06
CA PRO C 130 7.46 -8.76 -36.32
C PRO C 130 8.93 -9.10 -36.15
N ARG C 131 9.79 -8.12 -36.43
CA ARG C 131 11.22 -8.36 -36.41
C ARG C 131 11.72 -8.53 -34.99
N TYR C 132 11.81 -9.78 -34.53
CA TYR C 132 12.34 -10.12 -33.22
C TYR C 132 13.48 -11.11 -33.38
N SER C 133 14.48 -11.01 -32.50
CA SER C 133 15.62 -11.90 -32.55
C SER C 133 15.22 -13.32 -32.20
N ARG C 134 15.77 -14.28 -32.94
CA ARG C 134 15.50 -15.68 -32.67
C ARG C 134 16.31 -16.15 -31.46
N PRO C 135 15.66 -16.71 -30.44
CA PRO C 135 16.40 -17.16 -29.25
C PRO C 135 17.40 -18.25 -29.60
N THR C 136 18.56 -18.19 -28.94
CA THR C 136 19.63 -19.15 -29.16
C THR C 136 19.56 -20.33 -28.19
N LEU C 137 18.41 -20.99 -28.15
CA LEU C 137 18.18 -22.15 -27.30
C LEU C 137 17.74 -23.33 -28.14
N SER C 138 18.17 -24.52 -27.73
CA SER C 138 17.82 -25.73 -28.45
C SER C 138 16.33 -26.02 -28.30
N PRO C 139 15.59 -26.15 -29.39
CA PRO C 139 14.15 -26.41 -29.27
C PRO C 139 13.87 -27.72 -28.54
N SER C 140 12.81 -27.72 -27.74
CA SER C 140 12.41 -28.89 -26.97
C SER C 140 10.97 -28.73 -26.50
N PRO C 141 10.12 -29.74 -26.68
CA PRO C 141 8.73 -29.61 -26.22
C PRO C 141 8.59 -29.46 -24.71
N ARG C 142 9.61 -29.86 -23.94
CA ARG C 142 9.53 -29.79 -22.49
C ARG C 142 9.97 -28.44 -21.92
N ARG C 143 10.47 -27.54 -22.75
CA ARG C 143 10.90 -26.22 -22.32
C ARG C 143 9.83 -25.16 -22.53
N GLN C 144 8.62 -25.56 -22.94
CA GLN C 144 7.56 -24.61 -23.23
C GLN C 144 7.11 -23.91 -21.94
N VAL C 145 6.49 -22.75 -22.12
CA VAL C 145 6.14 -21.88 -21.01
C VAL C 145 4.66 -21.51 -21.11
N ALA C 146 4.09 -21.16 -19.96
CA ALA C 146 2.68 -20.79 -19.87
C ALA C 146 2.55 -19.52 -19.02
N VAL C 147 1.81 -18.55 -19.54
CA VAL C 147 1.60 -17.27 -18.88
C VAL C 147 0.18 -17.24 -18.35
N LEU C 148 0.03 -17.11 -17.04
CA LEU C 148 -1.26 -17.08 -16.38
C LEU C 148 -1.53 -15.71 -15.81
N ASN C 149 -2.69 -15.15 -16.16
CA ASN C 149 -3.15 -13.88 -15.60
C ASN C 149 -4.03 -14.23 -14.40
N LEU C 150 -3.46 -14.18 -13.20
CA LEU C 150 -4.17 -14.61 -12.02
C LEU C 150 -5.36 -13.70 -11.73
N PRO C 151 -6.47 -14.24 -11.22
CA PRO C 151 -7.66 -13.41 -10.99
C PRO C 151 -7.53 -12.47 -9.81
N ARG C 152 -8.62 -11.77 -9.48
CA ARG C 152 -8.55 -10.71 -8.48
C ARG C 152 -8.27 -11.27 -7.10
N SER C 153 -8.93 -12.35 -6.70
CA SER C 153 -8.84 -12.88 -5.35
C SER C 153 -8.49 -14.36 -5.37
N PHE C 154 -7.47 -14.72 -6.15
CA PHE C 154 -7.05 -16.12 -6.23
C PHE C 154 -6.38 -16.55 -4.93
N ASP C 155 -6.03 -17.84 -4.87
CA ASP C 155 -5.24 -18.39 -3.78
C ASP C 155 -3.79 -18.61 -4.16
N TRP C 156 -3.52 -18.84 -5.44
CA TRP C 156 -2.17 -18.93 -6.01
C TRP C 156 -1.45 -20.20 -5.58
N VAL C 157 -2.04 -20.93 -4.64
CA VAL C 157 -1.45 -22.18 -4.17
C VAL C 157 -2.21 -23.34 -4.79
N SER C 158 -3.45 -23.07 -5.23
CA SER C 158 -4.21 -24.08 -5.96
C SER C 158 -3.51 -24.49 -7.25
N LEU C 159 -2.60 -23.66 -7.77
CA LEU C 159 -1.81 -24.05 -8.92
C LEU C 159 -0.87 -25.21 -8.60
N LEU C 160 -0.42 -25.29 -7.35
CA LEU C 160 0.58 -26.29 -6.98
C LEU C 160 0.04 -27.70 -7.08
N VAL C 161 0.93 -28.63 -7.40
CA VAL C 161 0.58 -30.06 -7.46
C VAL C 161 0.13 -30.52 -6.08
N PRO C 162 -0.98 -31.25 -5.95
CA PRO C 162 -1.52 -31.55 -4.61
C PRO C 162 -0.58 -32.37 -3.73
N GLU C 163 0.38 -33.09 -4.31
CA GLU C 163 1.36 -33.78 -3.47
C GLU C 163 2.29 -32.79 -2.77
N SER C 164 2.43 -31.58 -3.30
CA SER C 164 3.21 -30.52 -2.67
C SER C 164 2.33 -29.39 -2.15
N GLN C 165 1.02 -29.47 -2.34
CA GLN C 165 0.10 -28.51 -1.75
C GLN C 165 -0.37 -28.90 -0.36
N GLU C 166 -0.28 -30.19 -0.01
CA GLU C 166 -0.73 -30.65 1.29
C GLU C 166 0.12 -30.05 2.41
N VAL C 167 1.42 -29.93 2.19
CA VAL C 167 2.30 -29.34 3.20
C VAL C 167 1.92 -27.89 3.46
N ILE C 168 1.68 -27.12 2.39
CA ILE C 168 1.29 -25.72 2.55
C ILE C 168 -0.05 -25.62 3.24
N GLU C 169 -1.01 -26.47 2.85
CA GLU C 169 -2.33 -26.43 3.47
C GLU C 169 -2.26 -26.78 4.95
N GLU C 170 -1.45 -27.77 5.32
CA GLU C 170 -1.33 -28.12 6.72
C GLU C 170 -0.57 -27.07 7.51
N PHE C 171 0.37 -26.36 6.87
CA PHE C 171 1.02 -25.23 7.51
C PHE C 171 0.00 -24.15 7.84
N ARG C 172 -0.85 -23.80 6.86
CA ARG C 172 -1.89 -22.82 7.11
C ARG C 172 -2.87 -23.30 8.17
N ALA C 173 -3.19 -24.59 8.17
CA ALA C 173 -4.11 -25.12 9.17
C ALA C 173 -3.51 -25.05 10.57
N GLY C 174 -2.21 -25.35 10.70
CA GLY C 174 -1.57 -25.21 11.99
C GLY C 174 -1.50 -23.77 12.45
N LEU C 175 -1.32 -22.84 11.52
CA LEU C 175 -1.38 -21.42 11.87
C LEU C 175 -2.79 -21.04 12.31
N ARG C 176 -3.81 -21.57 11.65
CA ARG C 176 -5.19 -21.21 11.97
C ARG C 176 -5.61 -21.66 13.36
N LYS C 177 -4.92 -22.66 13.93
CA LYS C 177 -5.29 -23.14 15.26
C LYS C 177 -5.07 -22.08 16.33
N ASP C 178 -4.21 -21.09 16.06
CA ASP C 178 -3.96 -20.00 16.99
C ASP C 178 -4.70 -18.73 16.59
N GLY C 179 -5.63 -18.81 15.66
CA GLY C 179 -6.31 -17.63 15.17
C GLY C 179 -5.42 -16.68 14.41
N LEU C 180 -4.53 -17.21 13.57
CA LEU C 180 -3.62 -16.43 12.75
C LEU C 180 -3.90 -16.72 11.28
N GLY C 181 -3.03 -16.21 10.41
CA GLY C 181 -3.18 -16.47 8.99
C GLY C 181 -1.97 -15.95 8.23
N LEU C 182 -2.00 -16.16 6.91
CA LEU C 182 -0.96 -15.70 6.00
C LEU C 182 -1.61 -15.01 4.81
N PRO C 183 -2.22 -13.84 5.03
CA PRO C 183 -2.88 -13.15 3.91
C PRO C 183 -1.85 -12.55 2.96
N THR C 184 -2.25 -12.46 1.69
CA THR C 184 -1.40 -11.87 0.67
C THR C 184 -2.25 -11.54 -0.55
N SER C 185 -1.80 -10.58 -1.34
CA SER C 185 -2.41 -10.26 -2.61
C SER C 185 -1.77 -11.11 -3.70
N THR C 186 -2.60 -11.65 -4.58
CA THR C 186 -2.10 -12.52 -5.64
C THR C 186 -1.20 -11.74 -6.58
N PRO C 187 -0.01 -12.25 -6.92
CA PRO C 187 0.80 -11.57 -7.94
C PRO C 187 0.05 -11.49 -9.26
N ASP C 188 0.21 -10.37 -9.95
CA ASP C 188 -0.63 -10.05 -11.09
C ASP C 188 -0.38 -10.94 -12.30
N LEU C 189 0.68 -11.75 -12.29
CA LEU C 189 0.92 -12.67 -13.39
C LEU C 189 1.92 -13.73 -12.95
N ALA C 190 1.73 -14.95 -13.44
CA ALA C 190 2.63 -16.06 -13.12
C ALA C 190 3.08 -16.73 -14.40
N VAL C 191 4.39 -16.80 -14.60
CA VAL C 191 4.99 -17.48 -15.75
C VAL C 191 5.53 -18.81 -15.24
N VAL C 192 4.95 -19.91 -15.71
CA VAL C 192 5.28 -21.24 -15.20
C VAL C 192 5.70 -22.13 -16.37
N VAL C 193 6.29 -23.26 -16.04
CA VAL C 193 6.70 -24.25 -17.03
C VAL C 193 5.50 -25.13 -17.35
N LEU C 194 5.23 -25.32 -18.64
CA LEU C 194 4.07 -26.08 -19.05
C LEU C 194 4.17 -27.52 -18.54
N PRO C 195 3.10 -28.07 -17.97
CA PRO C 195 3.13 -29.45 -17.51
C PRO C 195 3.32 -30.43 -18.66
N GLU C 196 3.67 -31.67 -18.32
CA GLU C 196 4.02 -32.66 -19.32
C GLU C 196 2.84 -32.98 -20.24
N GLU C 197 1.65 -33.13 -19.67
CA GLU C 197 0.49 -33.54 -20.46
C GLU C 197 -0.11 -32.41 -21.28
N PHE C 198 0.33 -31.17 -21.09
CA PHE C 198 -0.19 -30.03 -21.83
C PHE C 198 0.71 -29.61 -22.98
N GLN C 199 1.78 -30.37 -23.25
CA GLN C 199 2.75 -29.99 -24.25
C GLN C 199 2.34 -30.38 -25.66
N ASN C 200 1.21 -31.06 -25.83
CA ASN C 200 0.67 -31.37 -27.15
C ASN C 200 -0.54 -30.53 -27.52
N ASP C 201 -1.03 -29.70 -26.60
CA ASP C 201 -2.19 -28.86 -26.89
C ASP C 201 -1.81 -27.75 -27.85
N GLU C 202 -2.75 -27.39 -28.73
CA GLU C 202 -2.55 -26.34 -29.70
C GLU C 202 -3.06 -24.98 -29.24
N MET C 203 -3.59 -24.89 -28.01
CA MET C 203 -4.07 -23.61 -27.50
C MET C 203 -2.96 -22.75 -26.91
N TRP C 204 -1.79 -23.33 -26.64
CA TRP C 204 -0.64 -22.58 -26.12
C TRP C 204 0.35 -22.23 -27.22
N ARG C 205 -0.04 -22.35 -28.49
CA ARG C 205 0.86 -22.11 -29.60
C ARG C 205 0.31 -21.18 -30.66
N GLU C 206 -0.89 -20.63 -30.47
CA GLU C 206 -1.48 -19.71 -31.43
C GLU C 206 -1.56 -18.32 -30.81
N GLU C 207 -0.98 -17.34 -31.50
CA GLU C 207 -1.04 -15.97 -31.05
C GLU C 207 -2.45 -15.42 -31.23
N ILE C 208 -2.96 -14.73 -30.21
CA ILE C 208 -4.30 -14.16 -30.30
C ILE C 208 -4.27 -12.95 -31.22
N ALA C 209 -5.25 -12.86 -32.11
CA ALA C 209 -5.33 -11.73 -33.04
C ALA C 209 -5.60 -10.42 -32.33
N GLY C 210 -6.26 -10.46 -31.17
CA GLY C 210 -6.55 -9.25 -30.42
C GLY C 210 -7.19 -9.61 -29.11
N LEU C 211 -7.49 -8.58 -28.33
CA LEU C 211 -8.11 -8.77 -27.02
C LEU C 211 -9.64 -8.65 -27.13
N THR C 212 -10.21 -9.49 -27.99
CA THR C 212 -11.65 -9.58 -28.07
C THR C 212 -12.21 -10.26 -26.83
N ARG C 213 -13.53 -10.21 -26.68
CA ARG C 213 -14.15 -10.78 -25.50
C ARG C 213 -13.89 -12.27 -25.34
N PRO C 214 -14.03 -13.11 -26.38
CA PRO C 214 -13.62 -14.51 -26.22
C PRO C 214 -12.15 -14.65 -25.86
N ASN C 215 -11.28 -13.81 -26.42
CA ASN C 215 -9.87 -13.86 -26.08
C ASN C 215 -9.62 -13.39 -24.66
N GLN C 216 -10.39 -12.40 -24.18
CA GLN C 216 -10.30 -12.01 -22.79
C GLN C 216 -10.68 -13.16 -21.87
N ILE C 217 -11.75 -13.89 -22.23
CA ILE C 217 -12.13 -15.05 -21.42
C ILE C 217 -11.04 -16.12 -21.45
N LEU C 218 -10.45 -16.35 -22.63
CA LEU C 218 -9.40 -17.35 -22.74
C LEU C 218 -8.18 -16.98 -21.89
N LEU C 219 -7.77 -15.72 -21.93
CA LEU C 219 -6.60 -15.29 -21.15
C LEU C 219 -6.89 -15.31 -19.66
N SER C 220 -8.06 -14.78 -19.25
CA SER C 220 -8.38 -14.70 -17.83
C SER C 220 -8.52 -16.08 -17.21
N GLY C 221 -9.13 -17.01 -17.93
CA GLY C 221 -9.37 -18.34 -17.40
C GLY C 221 -8.28 -19.34 -17.73
N ALA C 222 -7.10 -18.84 -18.14
CA ALA C 222 -6.00 -19.73 -18.48
C ALA C 222 -5.41 -20.41 -17.26
N TYR C 223 -5.62 -19.88 -16.06
CA TYR C 223 -5.09 -20.51 -14.86
C TYR C 223 -5.89 -21.73 -14.43
N GLN C 224 -7.16 -21.82 -14.82
CA GLN C 224 -7.98 -22.95 -14.41
C GLN C 224 -7.44 -24.27 -14.96
N ARG C 225 -6.96 -24.26 -16.20
CA ARG C 225 -6.48 -25.48 -16.82
C ARG C 225 -5.24 -26.04 -16.11
N LEU C 226 -4.43 -25.17 -15.50
CA LEU C 226 -3.21 -25.58 -14.82
C LEU C 226 -3.40 -25.70 -13.31
N GLN C 227 -4.63 -25.61 -12.82
CA GLN C 227 -4.89 -25.69 -11.39
C GLN C 227 -4.53 -27.07 -10.88
N GLY C 228 -3.54 -27.14 -9.99
CA GLY C 228 -3.09 -28.41 -9.46
C GLY C 228 -2.22 -29.21 -10.39
N ARG C 229 -1.46 -28.55 -11.27
CA ARG C 229 -0.60 -29.23 -12.21
C ARG C 229 0.79 -28.59 -12.32
N VAL C 230 1.12 -27.64 -11.44
CA VAL C 230 2.37 -26.91 -11.49
C VAL C 230 3.23 -27.36 -10.33
N GLN C 231 4.45 -27.81 -10.63
CA GLN C 231 5.39 -28.20 -9.58
C GLN C 231 5.93 -26.96 -8.88
N PRO C 232 6.38 -27.12 -7.62
CA PRO C 232 6.94 -25.96 -6.90
C PRO C 232 8.09 -25.30 -7.62
N GLY C 233 8.95 -26.07 -8.30
CA GLY C 233 10.06 -25.50 -9.03
C GLY C 233 9.74 -25.01 -10.42
N GLU C 234 8.54 -25.29 -10.92
CA GLU C 234 8.14 -24.89 -12.26
C GLU C 234 7.57 -23.48 -12.31
N ILE C 235 7.46 -22.79 -11.17
CA ILE C 235 6.99 -21.41 -11.17
C ILE C 235 8.18 -20.54 -11.53
N SER C 236 8.34 -20.27 -12.83
CA SER C 236 9.57 -19.64 -13.31
C SER C 236 9.65 -18.17 -12.90
N LEU C 237 8.53 -17.46 -12.93
CA LEU C 237 8.56 -16.02 -12.71
C LEU C 237 7.22 -15.56 -12.15
N ALA C 238 7.27 -14.52 -11.33
CA ALA C 238 6.08 -13.83 -10.85
C ALA C 238 6.23 -12.36 -11.18
N VAL C 239 5.15 -11.75 -11.66
CA VAL C 239 5.17 -10.36 -12.11
C VAL C 239 4.05 -9.60 -11.41
N ALA C 240 4.41 -8.46 -10.81
CA ALA C 240 3.44 -7.53 -10.24
C ALA C 240 3.42 -6.29 -11.13
N PHE C 241 2.29 -6.05 -11.78
CA PHE C 241 2.11 -4.87 -12.60
C PHE C 241 1.57 -3.75 -11.73
N ALA C 242 2.40 -2.76 -11.44
CA ALA C 242 2.04 -1.63 -10.59
C ALA C 242 2.45 -0.35 -11.32
N ARG C 243 1.49 0.25 -12.01
CA ARG C 243 1.76 1.45 -12.79
C ARG C 243 1.94 2.66 -11.88
N SER C 244 3.04 3.38 -12.06
CA SER C 244 3.30 4.64 -11.38
C SER C 244 3.29 4.46 -9.86
N LEU C 245 4.28 3.72 -9.38
CA LEU C 245 4.43 3.50 -7.96
C LEU C 245 4.63 4.82 -7.21
N ARG C 246 4.25 4.82 -5.93
CA ARG C 246 4.52 5.90 -5.01
C ARG C 246 5.44 5.40 -3.90
N SER C 247 5.68 6.25 -2.91
CA SER C 247 6.61 5.91 -1.84
C SER C 247 5.96 5.09 -0.73
N ASP C 248 4.66 4.81 -0.82
CA ASP C 248 3.99 3.93 0.12
C ASP C 248 3.26 2.77 -0.54
N ARG C 249 2.97 2.86 -1.83
CA ARG C 249 2.32 1.77 -2.55
C ARG C 249 3.29 0.74 -3.09
N LEU C 250 4.60 0.94 -2.89
CA LEU C 250 5.56 -0.08 -3.28
C LEU C 250 5.77 -1.12 -2.20
N TYR C 251 5.11 -0.99 -1.06
CA TYR C 251 5.22 -1.98 0.01
C TYR C 251 4.17 -3.07 -0.08
N GLN C 252 3.21 -2.96 -1.00
CA GLN C 252 2.29 -4.06 -1.21
C GLN C 252 2.95 -5.14 -2.07
N PRO C 253 3.58 -4.80 -3.21
CA PRO C 253 4.30 -5.84 -3.95
C PRO C 253 5.39 -6.52 -3.13
N LEU C 254 6.13 -5.76 -2.32
CA LEU C 254 7.16 -6.35 -1.48
C LEU C 254 6.59 -7.43 -0.58
N TYR C 255 5.52 -7.11 0.14
CA TYR C 255 4.82 -8.13 0.92
C TYR C 255 4.36 -9.27 0.02
N GLU C 256 3.83 -8.94 -1.16
CA GLU C 256 3.41 -9.97 -2.11
C GLU C 256 4.54 -10.93 -2.41
N ALA C 257 5.78 -10.46 -2.38
CA ALA C 257 6.93 -11.33 -2.56
C ALA C 257 7.41 -11.93 -1.25
N ASN C 258 7.36 -11.16 -0.16
CA ASN C 258 7.94 -11.62 1.10
C ASN C 258 7.23 -12.86 1.61
N VAL C 259 5.90 -12.89 1.49
CA VAL C 259 5.15 -14.11 1.80
C VAL C 259 5.45 -15.19 0.76
N MET C 260 5.53 -14.79 -0.51
CA MET C 260 5.64 -15.76 -1.60
C MET C 260 6.85 -16.66 -1.40
N GLN C 261 8.03 -16.07 -1.23
CA GLN C 261 9.23 -16.88 -1.01
C GLN C 261 9.10 -17.72 0.24
N LEU C 262 8.45 -17.17 1.27
CA LEU C 262 8.23 -17.93 2.51
C LEU C 262 7.52 -19.23 2.23
N LEU C 263 6.61 -19.25 1.25
CA LEU C 263 5.86 -20.46 0.94
C LEU C 263 6.47 -21.25 -0.20
N LEU C 264 7.59 -20.80 -0.76
CA LEU C 264 8.20 -21.51 -1.88
C LEU C 264 9.67 -21.81 -1.61
N GLU C 265 10.33 -20.95 -0.84
CA GLU C 265 11.73 -21.19 -0.50
C GLU C 265 11.89 -21.91 0.84
N GLY C 266 11.26 -21.38 1.90
CA GLY C 266 11.44 -21.93 3.23
C GLY C 266 10.57 -23.10 3.58
N LYS C 267 9.62 -23.48 2.71
CA LYS C 267 8.71 -24.57 3.01
C LYS C 267 8.51 -25.55 1.85
N LEU C 268 9.13 -25.31 0.69
CA LEU C 268 8.98 -26.21 -0.44
C LEU C 268 10.29 -26.59 -1.10
N GLY C 269 11.39 -25.91 -0.80
CA GLY C 269 12.68 -26.28 -1.36
C GLY C 269 12.93 -25.80 -2.78
N ALA C 270 12.11 -24.90 -3.30
CA ALA C 270 12.37 -24.34 -4.62
C ALA C 270 13.66 -23.54 -4.61
N PRO C 271 14.39 -23.50 -5.73
CA PRO C 271 15.67 -22.77 -5.73
C PRO C 271 15.53 -21.29 -5.45
N LYS C 272 14.70 -20.59 -6.23
CA LYS C 272 14.47 -19.17 -6.00
C LYS C 272 13.16 -18.78 -6.67
N VAL C 273 12.64 -17.62 -6.26
CA VAL C 273 11.43 -17.05 -6.83
C VAL C 273 11.80 -15.73 -7.48
N GLU C 274 11.54 -15.60 -8.78
CA GLU C 274 11.90 -14.40 -9.52
C GLU C 274 10.68 -13.48 -9.58
N PHE C 275 10.43 -12.81 -8.47
CA PHE C 275 9.36 -11.83 -8.39
C PHE C 275 9.90 -10.49 -8.89
N GLU C 276 9.21 -9.90 -9.86
CA GLU C 276 9.64 -8.63 -10.43
C GLU C 276 8.43 -7.73 -10.63
N VAL C 277 8.68 -6.42 -10.60
CA VAL C 277 7.66 -5.39 -10.65
C VAL C 277 7.80 -4.63 -11.96
N HIS C 278 6.69 -4.36 -12.62
CA HIS C 278 6.66 -3.53 -13.82
C HIS C 278 5.92 -2.23 -13.51
N THR C 279 6.45 -1.12 -14.02
CA THR C 279 5.85 0.18 -13.78
C THR C 279 6.11 1.06 -14.99
N LEU C 280 5.27 2.09 -15.13
CA LEU C 280 5.39 3.00 -16.26
C LEU C 280 6.02 4.33 -15.88
N ALA C 281 5.62 4.92 -14.76
CA ALA C 281 6.13 6.22 -14.33
C ALA C 281 6.56 6.13 -12.87
N PRO C 282 7.76 5.60 -12.60
CA PRO C 282 8.29 5.51 -11.24
C PRO C 282 8.93 6.82 -10.77
N GLU C 283 8.24 7.93 -11.00
CA GLU C 283 8.71 9.25 -10.61
C GLU C 283 8.12 9.65 -9.27
N GLY C 284 8.75 10.63 -8.64
CA GLY C 284 8.34 11.04 -7.31
C GLY C 284 8.54 9.96 -6.27
N THR C 285 9.49 9.07 -6.49
CA THR C 285 9.75 7.95 -5.59
C THR C 285 11.18 7.49 -5.78
N ASN C 286 11.64 6.69 -4.82
CA ASN C 286 12.98 6.12 -4.84
C ASN C 286 12.91 4.60 -4.99
N ALA C 287 11.96 4.12 -5.81
CA ALA C 287 11.70 2.69 -5.90
C ALA C 287 12.91 1.91 -6.40
N PHE C 288 13.83 2.57 -7.12
CA PHE C 288 14.99 1.87 -7.65
C PHE C 288 15.98 1.46 -6.58
N VAL C 289 15.89 2.02 -5.37
CA VAL C 289 16.81 1.67 -4.29
C VAL C 289 16.11 1.11 -3.07
N THR C 290 14.80 1.29 -2.91
CA THR C 290 14.06 0.66 -1.83
C THR C 290 13.46 -0.68 -2.23
N TYR C 291 13.75 -1.15 -3.44
CA TYR C 291 13.35 -2.48 -3.87
C TYR C 291 14.49 -3.49 -3.75
N GLU C 292 15.56 -3.13 -3.04
CA GLU C 292 16.65 -4.05 -2.71
C GLU C 292 16.44 -4.71 -1.36
N ALA C 293 15.19 -4.89 -0.94
CA ALA C 293 14.90 -5.38 0.39
C ALA C 293 15.31 -6.84 0.55
N ALA C 294 15.51 -7.24 1.79
CA ALA C 294 15.85 -8.62 2.12
C ALA C 294 14.58 -9.45 2.22
N SER C 295 14.69 -10.65 2.78
CA SER C 295 13.56 -11.58 2.88
C SER C 295 13.60 -12.23 4.24
N LEU C 296 12.85 -13.33 4.41
CA LEU C 296 12.80 -14.05 5.68
C LEU C 296 14.17 -14.55 6.11
N TYR C 297 15.12 -14.70 5.18
CA TYR C 297 16.53 -15.01 5.44
C TYR C 297 16.73 -16.33 6.16
N GLY C 298 15.64 -17.07 6.39
CA GLY C 298 15.74 -18.38 7.01
C GLY C 298 16.33 -18.36 8.40
N LEU C 299 17.57 -18.83 8.53
CA LEU C 299 18.29 -18.85 9.80
C LEU C 299 18.36 -17.47 10.45
N SER C 304 23.66 -16.25 3.90
CA SER C 304 23.53 -17.57 3.31
C SER C 304 22.35 -17.62 2.34
N ALA C 305 21.14 -17.64 2.90
CA ALA C 305 19.91 -17.70 2.12
C ALA C 305 19.26 -16.33 1.95
N VAL C 306 20.07 -15.28 1.88
CA VAL C 306 19.58 -13.91 1.73
C VAL C 306 19.66 -13.51 0.27
N HIS C 307 18.67 -12.74 -0.18
CA HIS C 307 18.60 -12.29 -1.57
C HIS C 307 17.55 -11.18 -1.64
N ARG C 308 17.52 -10.51 -2.78
CA ARG C 308 16.55 -9.44 -2.98
C ARG C 308 15.13 -10.02 -3.02
N ALA C 309 14.22 -9.36 -2.31
CA ALA C 309 12.82 -9.78 -2.34
C ALA C 309 12.23 -9.58 -3.74
N ILE C 310 12.56 -8.47 -4.38
CA ILE C 310 12.11 -8.18 -5.74
C ILE C 310 13.32 -8.29 -6.66
N ARG C 311 13.21 -9.15 -7.68
CA ARG C 311 14.35 -9.40 -8.55
C ARG C 311 14.78 -8.14 -9.30
N GLU C 312 13.81 -7.42 -9.86
CA GLU C 312 14.11 -6.22 -10.63
C GLU C 312 12.86 -5.37 -10.76
N LEU C 313 13.07 -4.11 -11.11
CA LEU C 313 11.99 -3.20 -11.46
C LEU C 313 12.16 -2.79 -12.92
N TYR C 314 11.13 -2.96 -13.72
CA TYR C 314 11.19 -2.67 -15.13
C TYR C 314 10.28 -1.49 -15.47
N VAL C 315 10.73 -0.69 -16.43
CA VAL C 315 9.94 0.43 -16.96
C VAL C 315 9.97 0.32 -18.48
N PRO C 316 8.99 -0.33 -19.09
CA PRO C 316 9.04 -0.57 -20.54
C PRO C 316 8.96 0.74 -21.31
N PRO C 317 9.99 1.07 -22.09
CA PRO C 317 9.95 2.30 -22.89
C PRO C 317 8.89 2.22 -23.98
N THR C 318 8.91 1.14 -24.75
CA THR C 318 7.95 0.88 -25.81
C THR C 318 7.23 -0.43 -25.53
N ALA C 319 6.26 -0.76 -26.38
CA ALA C 319 5.55 -2.02 -26.24
C ALA C 319 6.39 -3.21 -26.70
N ALA C 320 7.28 -3.00 -27.67
CA ALA C 320 8.15 -4.06 -28.15
C ALA C 320 9.30 -4.36 -27.20
N ASP C 321 9.71 -3.38 -26.38
CA ASP C 321 10.79 -3.61 -25.45
C ASP C 321 10.41 -4.64 -24.39
N LEU C 322 9.15 -4.63 -23.96
CA LEU C 322 8.67 -5.64 -23.03
C LEU C 322 8.77 -7.04 -23.64
N ALA C 323 8.36 -7.18 -24.90
CA ALA C 323 8.46 -8.47 -25.57
C ALA C 323 9.92 -8.91 -25.70
N ARG C 324 10.80 -7.99 -26.08
CA ARG C 324 12.21 -8.32 -26.21
C ARG C 324 12.81 -8.76 -24.89
N ARG C 325 12.48 -8.05 -23.80
CA ARG C 325 12.98 -8.42 -22.49
C ARG C 325 12.45 -9.77 -22.05
N PHE C 326 11.17 -10.05 -22.32
CA PHE C 326 10.61 -11.34 -21.96
C PHE C 326 11.29 -12.47 -22.73
N PHE C 327 11.54 -12.25 -24.03
CA PHE C 327 12.24 -13.27 -24.82
C PHE C 327 13.65 -13.50 -24.29
N ALA C 328 14.37 -12.42 -23.95
CA ALA C 328 15.71 -12.57 -23.40
C ALA C 328 15.68 -13.32 -22.07
N PHE C 329 14.74 -13.00 -21.20
CA PHE C 329 14.64 -13.68 -19.91
C PHE C 329 14.32 -15.15 -20.09
N LEU C 330 13.39 -15.47 -21.01
CA LEU C 330 13.06 -16.87 -21.26
C LEU C 330 14.26 -17.63 -21.81
N ASN C 331 15.00 -17.02 -22.73
CA ASN C 331 16.20 -17.66 -23.26
C ASN C 331 17.20 -17.90 -22.13
N GLU C 332 17.36 -16.92 -21.25
CA GLU C 332 18.34 -17.05 -20.17
C GLU C 332 17.94 -18.14 -19.18
N ARG C 333 16.65 -18.26 -18.86
CA ARG C 333 16.24 -19.16 -17.78
C ARG C 333 15.91 -20.57 -18.26
N MET C 334 15.22 -20.72 -19.40
CA MET C 334 14.77 -22.04 -19.83
C MET C 334 15.93 -23.00 -20.07
N GLU C 335 17.15 -22.48 -20.22
CA GLU C 335 18.32 -23.35 -20.34
C GLU C 335 18.52 -24.20 -19.09
N LYS C 336 18.09 -23.70 -17.92
CA LYS C 336 18.25 -24.45 -16.69
C LYS C 336 17.47 -25.76 -16.72
N VAL C 337 16.23 -25.73 -17.23
CA VAL C 337 15.44 -26.94 -17.30
C VAL C 337 15.97 -27.86 -18.40
N ASN C 338 15.68 -29.15 -18.26
CA ASN C 338 16.18 -30.17 -19.17
C ASN C 338 15.06 -30.64 -20.09
N GLY C 339 15.36 -30.71 -21.38
CA GLY C 339 14.40 -31.18 -22.36
C GLY C 339 15.04 -31.71 -23.63
MG MG E . -0.83 6.34 8.62
MG MG F . -0.47 -4.51 -9.53
#